data_6YGB
#
_entry.id   6YGB
#
_cell.length_a   48.042
_cell.length_b   139.789
_cell.length_c   166.561
_cell.angle_alpha   90.000
_cell.angle_beta   90.000
_cell.angle_gamma   90.000
#
_symmetry.space_group_name_H-M   'P 21 21 21'
#
loop_
_entity.id
_entity.type
_entity.pdbx_description
1 polymer 'N-alpha-acetyltransferase 30'
2 polymer 'N-alpha-acetyltransferase 35, NatC auxiliary subunit'
3 polymer 'N-alpha-acetyltransferase 38, NatC auxiliary subunit'
4 non-polymer 'COENZYME A'
5 non-polymer 'CHLORIDE ION'
6 non-polymer DI(HYDROXYETHYL)ETHER
7 non-polymer 1,2-ETHANEDIOL
8 non-polymer 'IODIDE ION'
9 water water
#
loop_
_entity_poly.entity_id
_entity_poly.type
_entity_poly.pdbx_seq_one_letter_code
_entity_poly.pdbx_strand_id
1 'polypeptide(L)'
;MEIVYKPLDIRNEEQFASIKKLIDADLSEPYSIYVYRYFLNQWPELTYIAVDNKSGTPNIPIGCIVCKMDPHRNVRLRGY
IGMLAVESTYRGHGIAKKLVEIAIDKMQREHCDEIMLETEVENSAALNLYEGMGFIRMKRMFRYYLNEGDAFKLILPLT
;
A
2 'polypeptide(L)'
;GPMEVDSILGSLSITDDFDQLVDVTSLFDELCSKLKPEAIVKDPRFDLFEGTHSLEVNNSKLDSSLIELTAEEIEFDVNV
AYDPPLASVAAIADRLLRCVISWLNDYQTLPTTVLSCRYTESLLSSLVKGTTAGSSWCTGNILYDKVLGSCILGVCYLTK
FVQKLLSAGIVFEEEDLNFNNMGFNTFDNLPGQDVVINSLTESLQILEAYSDDSLHLTMLKHILKIIICLVHLEDHLTDY
STKTSHLDELIENANSVNGIFPQLQLSPPKGAFSTYIQKHRSNQFPPRKITKLPTDYSGFITLANDVKTILLVDKAESAL
ETYQFAKFFNKLEQRHVIARILFPLFFIRDDRTVLGKFSYTQFYLLHVKEFSAQTPSEFESSIGNELIQESSNMLLEWYQ
NCSQNTCRYRQGFNRQLILWDSLQAQFESVNSQVYCSWTYFMKLSSMIEFSLKGFDLDIYKPFEAYSMFWYVYYLSHHLE
TFLKDSQNDIESNINAIHSMNKKLKKLKAGEKKDQLRLKYRFAMDNEMEQLQATKQFLNYLLKEINITKSLCLIEVFQFA
ILKSFGLIDNKNSTPSKFSNERLIHNLRFKPFNSIGVPELPEYEVFQQTLKDFVIEEKGAAFDIKLERATNFIETEVRNV
VSSIDEIMQGIKGGDNNGVLVTGTRLVQELSLEYYCKLKHTSKALSVNSKVIVNTLKKNIKNKDSHEYKVELVHTTEGWN
YFPIQTLRIKQDRYK
;
B
3 'polypeptide(L)' MDILKLSDFIGNTLIVSLTEDRILVGSLVAVDAQMNLLLDHVEERMGSSSRMMGLVSVPRRSVKTIMIDKPVLQELT C
#
# COMPACT_ATOMS: atom_id res chain seq x y z
N MET A 1 29.98 32.21 -8.14
CA MET A 1 29.48 30.88 -8.51
C MET A 1 29.48 30.73 -10.02
N GLU A 2 30.17 29.70 -10.53
CA GLU A 2 30.26 29.42 -11.96
C GLU A 2 30.05 27.92 -12.12
N ILE A 3 28.80 27.50 -12.14
CA ILE A 3 28.45 26.08 -12.15
C ILE A 3 28.67 25.50 -13.54
N VAL A 4 29.33 24.35 -13.60
CA VAL A 4 29.60 23.65 -14.83
C VAL A 4 29.04 22.24 -14.72
N TYR A 5 28.32 21.80 -15.75
CA TYR A 5 27.74 20.47 -15.80
C TYR A 5 28.51 19.63 -16.82
N LYS A 6 28.86 18.42 -16.43
CA LYS A 6 29.70 17.55 -17.25
C LYS A 6 29.31 16.10 -17.02
N PRO A 7 29.58 15.23 -17.99
CA PRO A 7 29.29 13.81 -17.82
C PRO A 7 30.30 13.13 -16.92
N LEU A 8 29.89 12.00 -16.36
CA LEU A 8 30.75 11.22 -15.47
C LEU A 8 31.93 10.62 -16.23
N ASP A 9 33.11 10.68 -15.61
CA ASP A 9 34.30 9.99 -16.11
C ASP A 9 34.45 8.72 -15.29
N ILE A 10 34.20 7.56 -15.92
CA ILE A 10 34.24 6.31 -15.19
C ILE A 10 35.66 5.97 -14.75
N ARG A 11 36.67 6.49 -15.46
CA ARG A 11 38.06 6.20 -15.10
C ARG A 11 38.51 6.96 -13.85
N ASN A 12 37.75 7.97 -13.44
CA ASN A 12 38.11 8.78 -12.27
C ASN A 12 37.50 8.11 -11.04
N GLU A 13 38.35 7.47 -10.24
CA GLU A 13 37.89 6.85 -9.00
C GLU A 13 37.47 7.93 -8.00
N GLU A 14 38.18 9.05 -7.97
CA GLU A 14 37.89 10.11 -7.02
C GLU A 14 36.54 10.76 -7.31
N GLN A 15 36.21 10.93 -8.60
CA GLN A 15 34.90 11.44 -8.98
C GLN A 15 33.81 10.48 -8.52
N PHE A 16 34.03 9.18 -8.69
CA PHE A 16 33.09 8.16 -8.24
C PHE A 16 32.81 8.30 -6.75
N ALA A 17 33.87 8.47 -5.95
CA ALA A 17 33.70 8.51 -4.49
C ALA A 17 33.00 9.78 -4.05
N SER A 18 33.30 10.91 -4.70
CA SER A 18 32.64 12.16 -4.34
C SER A 18 31.14 12.08 -4.60
N ILE A 19 30.74 11.42 -5.68
CA ILE A 19 29.31 11.26 -5.97
C ILE A 19 28.63 10.46 -4.87
N LYS A 20 29.22 9.32 -4.52
CA LYS A 20 28.66 8.48 -3.46
C LYS A 20 28.56 9.26 -2.15
N LYS A 21 29.59 10.04 -1.83
CA LYS A 21 29.53 10.85 -0.62
C LYS A 21 28.37 11.84 -0.68
N LEU A 22 28.19 12.48 -1.83
CA LEU A 22 27.16 13.51 -1.96
C LEU A 22 25.76 12.92 -1.89
N ILE A 23 25.53 11.75 -2.50
CA ILE A 23 24.20 11.16 -2.52
C ILE A 23 23.84 10.56 -1.17
N ASP A 24 24.82 9.95 -0.50
CA ASP A 24 24.55 9.22 0.74
C ASP A 24 24.11 10.14 1.87
N ALA A 25 24.49 11.42 1.83
CA ALA A 25 24.19 12.31 2.94
C ALA A 25 22.69 12.50 3.12
N ASP A 26 21.94 12.58 2.02
CA ASP A 26 20.53 12.88 2.06
C ASP A 26 19.64 11.66 2.25
N LEU A 27 20.18 10.45 2.09
CA LEU A 27 19.40 9.24 2.21
C LEU A 27 19.33 8.80 3.67
N SER A 28 18.14 8.40 4.11
CA SER A 28 18.00 7.82 5.44
C SER A 28 18.70 6.47 5.52
N GLU A 29 18.60 5.69 4.45
CA GLU A 29 19.25 4.39 4.35
C GLU A 29 20.16 4.39 3.13
N PRO A 30 21.47 4.42 3.30
CA PRO A 30 22.38 4.61 2.16
C PRO A 30 22.41 3.42 1.21
N TYR A 31 23.15 3.61 0.13
CA TYR A 31 23.33 2.62 -0.91
C TYR A 31 24.70 2.00 -0.78
N SER A 32 24.81 0.70 -1.06
CA SER A 32 26.11 0.07 -1.08
C SER A 32 26.87 0.45 -2.34
N ILE A 33 28.16 0.14 -2.36
CA ILE A 33 28.99 0.44 -3.53
C ILE A 33 28.41 -0.20 -4.78
N TYR A 34 27.87 -1.40 -4.64
CA TYR A 34 27.36 -2.11 -5.81
C TYR A 34 26.00 -1.61 -6.26
N VAL A 35 25.31 -0.82 -5.44
CA VAL A 35 24.19 -0.03 -5.96
C VAL A 35 24.71 1.00 -6.95
N TYR A 36 25.80 1.68 -6.57
CA TYR A 36 26.40 2.68 -7.44
C TYR A 36 27.06 2.02 -8.65
N ARG A 37 27.68 0.84 -8.47
CA ARG A 37 28.30 0.15 -9.60
C ARG A 37 27.26 -0.24 -10.64
N TYR A 38 26.08 -0.66 -10.20
CA TYR A 38 25.04 -1.08 -11.13
C TYR A 38 24.66 0.04 -12.09
N PHE A 39 24.55 1.27 -11.59
CA PHE A 39 24.19 2.40 -12.44
C PHE A 39 25.37 2.89 -13.28
N LEU A 40 26.49 3.19 -12.63
CA LEU A 40 27.55 3.94 -13.29
C LEU A 40 28.38 3.08 -14.25
N ASN A 41 28.58 1.81 -13.93
CA ASN A 41 29.39 0.98 -14.84
C ASN A 41 28.59 0.56 -16.06
N GLN A 42 27.29 0.34 -15.92
CA GLN A 42 26.46 -0.09 -17.03
C GLN A 42 25.90 1.06 -17.85
N TRP A 43 25.62 2.21 -17.22
CA TRP A 43 25.15 3.40 -17.92
C TRP A 43 26.00 4.60 -17.53
N PRO A 44 27.28 4.60 -17.91
CA PRO A 44 28.14 5.74 -17.55
C PRO A 44 27.71 7.05 -18.19
N GLU A 45 27.06 6.99 -19.35
CA GLU A 45 26.66 8.20 -20.06
C GLU A 45 25.39 8.84 -19.50
N LEU A 46 24.74 8.20 -18.53
CA LEU A 46 23.52 8.72 -17.94
C LEU A 46 23.72 9.24 -16.52
N THR A 47 24.96 9.54 -16.14
CA THR A 47 25.27 10.15 -14.86
C THR A 47 25.96 11.48 -15.10
N TYR A 48 25.48 12.54 -14.45
CA TYR A 48 26.04 13.87 -14.63
C TYR A 48 26.34 14.51 -13.29
N ILE A 49 27.37 15.34 -13.27
CA ILE A 49 27.77 16.07 -12.07
C ILE A 49 27.77 17.57 -12.37
N ALA A 50 27.68 18.35 -11.30
CA ALA A 50 27.76 19.80 -11.37
C ALA A 50 28.88 20.28 -10.46
N VAL A 51 29.77 21.10 -10.99
CA VAL A 51 30.89 21.65 -10.24
C VAL A 51 30.83 23.16 -10.30
N ASP A 52 31.33 23.80 -9.23
CA ASP A 52 31.43 25.25 -9.16
C ASP A 52 32.86 25.61 -9.54
N ASN A 53 33.04 26.10 -10.77
CA ASN A 53 34.38 26.37 -11.28
C ASN A 53 35.06 27.52 -10.55
N LYS A 54 34.31 28.52 -10.10
CA LYS A 54 34.89 29.64 -9.39
C LYS A 54 34.92 29.44 -7.88
N SER A 55 34.59 28.24 -7.39
CA SER A 55 34.72 27.96 -5.97
C SER A 55 36.16 27.58 -5.64
N GLY A 56 36.43 27.46 -4.33
CA GLY A 56 37.76 27.09 -3.89
C GLY A 56 38.17 25.70 -4.33
N THR A 57 37.21 24.79 -4.39
CA THR A 57 37.42 23.45 -4.94
C THR A 57 36.65 23.35 -6.24
N PRO A 58 37.26 23.71 -7.37
CA PRO A 58 36.51 23.71 -8.64
C PRO A 58 36.16 22.33 -9.14
N ASN A 59 37.02 21.34 -8.92
CA ASN A 59 36.81 20.02 -9.51
C ASN A 59 35.81 19.16 -8.74
N ILE A 60 35.49 19.52 -7.49
CA ILE A 60 34.62 18.72 -6.65
C ILE A 60 33.17 18.90 -7.10
N PRO A 61 32.39 17.81 -7.17
CA PRO A 61 30.98 17.93 -7.60
C PRO A 61 30.04 18.26 -6.46
N ILE A 62 29.24 19.32 -6.63
CA ILE A 62 28.29 19.73 -5.61
C ILE A 62 26.87 19.29 -5.93
N GLY A 63 26.63 18.82 -7.14
CA GLY A 63 25.35 18.23 -7.49
C GLY A 63 25.61 17.08 -8.45
N CYS A 64 24.68 16.11 -8.43
CA CYS A 64 24.82 14.96 -9.31
CA CYS A 64 24.82 14.94 -9.29
C CYS A 64 23.45 14.32 -9.57
N ILE A 65 23.35 13.60 -10.68
CA ILE A 65 22.13 12.90 -11.07
C ILE A 65 22.56 11.57 -11.68
N VAL A 66 21.82 10.51 -11.37
CA VAL A 66 22.19 9.16 -11.79
C VAL A 66 20.98 8.51 -12.44
N CYS A 67 21.14 8.01 -13.67
CA CYS A 67 20.02 7.48 -14.44
C CYS A 67 20.35 6.14 -15.10
N LYS A 68 19.29 5.47 -15.54
CA LYS A 68 19.39 4.24 -16.31
C LYS A 68 18.28 4.22 -17.35
N MET A 69 18.41 3.31 -18.32
CA MET A 69 17.36 3.11 -19.31
C MET A 69 17.33 1.64 -19.72
N ASP A 70 16.12 1.11 -19.83
CA ASP A 70 15.90 -0.29 -20.18
C ASP A 70 14.58 -0.40 -20.90
N PRO A 71 14.42 -1.38 -21.79
CA PRO A 71 13.11 -1.58 -22.44
C PRO A 71 12.03 -1.89 -21.40
N HIS A 72 10.86 -1.29 -21.61
CA HIS A 72 9.72 -1.51 -20.75
C HIS A 72 8.63 -2.20 -21.57
N ARG A 73 7.99 -3.21 -20.99
CA ARG A 73 7.17 -4.17 -21.72
C ARG A 73 8.10 -4.77 -22.76
N ASN A 74 7.82 -4.64 -24.05
CA ASN A 74 8.79 -4.98 -25.10
C ASN A 74 9.03 -3.85 -26.08
N VAL A 75 8.16 -2.85 -26.16
CA VAL A 75 8.15 -1.95 -27.30
C VAL A 75 8.57 -0.54 -26.95
N ARG A 76 8.87 -0.25 -25.69
CA ARG A 76 9.16 1.12 -25.28
C ARG A 76 10.41 1.15 -24.41
N LEU A 77 11.20 2.20 -24.57
CA LEU A 77 12.41 2.43 -23.79
C LEU A 77 12.07 3.38 -22.64
N ARG A 78 12.26 2.92 -21.42
CA ARG A 78 11.94 3.72 -20.23
C ARG A 78 13.23 4.25 -19.62
N GLY A 79 13.38 5.58 -19.63
CA GLY A 79 14.41 6.21 -18.84
C GLY A 79 14.02 6.27 -17.38
N TYR A 80 15.02 6.20 -16.51
CA TYR A 80 14.78 6.13 -15.07
C TYR A 80 15.77 7.02 -14.33
N ILE A 81 15.25 7.86 -13.44
CA ILE A 81 16.08 8.72 -12.60
C ILE A 81 16.12 8.09 -11.22
N GLY A 82 17.27 7.56 -10.84
CA GLY A 82 17.41 6.87 -9.57
C GLY A 82 17.95 7.73 -8.44
N MET A 83 18.81 8.69 -8.77
CA MET A 83 19.49 9.48 -7.75
C MET A 83 19.61 10.93 -8.19
N LEU A 84 19.32 11.85 -7.27
CA LEU A 84 19.47 13.28 -7.52
C LEU A 84 19.87 13.94 -6.20
N ALA A 85 21.01 14.63 -6.20
CA ALA A 85 21.47 15.29 -4.99
C ALA A 85 22.16 16.60 -5.34
N VAL A 86 21.90 17.63 -4.53
CA VAL A 86 22.58 18.91 -4.63
C VAL A 86 23.06 19.29 -3.24
N GLU A 87 24.31 19.74 -3.15
CA GLU A 87 24.90 20.07 -1.86
C GLU A 87 24.08 21.15 -1.16
N SER A 88 24.05 21.08 0.18
CA SER A 88 23.17 21.95 0.96
C SER A 88 23.50 23.43 0.75
N THR A 89 24.79 23.75 0.58
CA THR A 89 25.17 25.14 0.38
C THR A 89 24.72 25.67 -0.97
N TYR A 90 24.52 24.79 -1.94
CA TYR A 90 24.22 25.20 -3.32
C TYR A 90 22.75 25.06 -3.69
N ARG A 91 21.88 24.79 -2.72
CA ARG A 91 20.46 24.66 -3.00
C ARG A 91 19.85 26.01 -3.38
N GLY A 92 18.80 25.97 -4.18
CA GLY A 92 18.05 27.16 -4.55
C GLY A 92 18.63 27.97 -5.70
N HIS A 93 19.61 27.42 -6.43
CA HIS A 93 20.22 28.13 -7.55
C HIS A 93 19.92 27.48 -8.90
N GLY A 94 18.91 26.63 -8.96
CA GLY A 94 18.56 26.02 -10.24
C GLY A 94 19.48 24.91 -10.69
N ILE A 95 20.32 24.40 -9.80
CA ILE A 95 21.29 23.37 -10.19
C ILE A 95 20.60 22.04 -10.46
N ALA A 96 19.73 21.62 -9.54
CA ALA A 96 19.01 20.36 -9.72
C ALA A 96 18.17 20.40 -10.98
N LYS A 97 17.47 21.52 -11.22
CA LYS A 97 16.67 21.64 -12.44
C LYS A 97 17.53 21.47 -13.68
N LYS A 98 18.72 22.08 -13.69
CA LYS A 98 19.60 21.94 -14.85
C LYS A 98 20.09 20.50 -14.99
N LEU A 99 20.35 19.82 -13.86
CA LEU A 99 20.82 18.45 -13.94
C LEU A 99 19.74 17.53 -14.48
N VAL A 100 18.48 17.75 -14.09
CA VAL A 100 17.38 16.95 -14.63
C VAL A 100 17.21 17.23 -16.12
N GLU A 101 17.32 18.51 -16.51
CA GLU A 101 17.16 18.87 -17.92
C GLU A 101 18.23 18.20 -18.78
N ILE A 102 19.48 18.23 -18.34
CA ILE A 102 20.55 17.66 -19.16
C ILE A 102 20.44 16.14 -19.23
N ALA A 103 19.98 15.50 -18.15
CA ALA A 103 19.83 14.05 -18.18
C ALA A 103 18.68 13.62 -19.07
N ILE A 104 17.52 14.27 -18.92
CA ILE A 104 16.37 13.94 -19.77
C ILE A 104 16.69 14.22 -21.23
N ASP A 105 17.40 15.32 -21.49
CA ASP A 105 17.81 15.61 -22.86
C ASP A 105 18.68 14.48 -23.41
N LYS A 106 19.54 13.90 -22.58
CA LYS A 106 20.40 12.81 -23.03
C LYS A 106 19.59 11.56 -23.31
N MET A 107 18.67 11.21 -22.42
CA MET A 107 17.83 10.03 -22.64
C MET A 107 16.91 10.21 -23.83
N GLN A 108 16.44 11.44 -24.10
CA GLN A 108 15.65 11.68 -25.30
C GLN A 108 16.49 11.45 -26.55
N ARG A 109 17.74 11.90 -26.55
CA ARG A 109 18.63 11.63 -27.67
C ARG A 109 18.94 10.14 -27.81
N GLU A 110 18.88 9.40 -26.72
CA GLU A 110 19.01 7.94 -26.75
C GLU A 110 17.68 7.25 -27.00
N HIS A 111 16.69 7.99 -27.49
CA HIS A 111 15.42 7.46 -27.98
C HIS A 111 14.54 6.87 -26.86
N CYS A 112 14.66 7.37 -25.64
CA CYS A 112 13.74 6.96 -24.60
C CYS A 112 12.33 7.43 -24.93
N ASP A 113 11.34 6.58 -24.70
CA ASP A 113 9.95 6.93 -24.93
C ASP A 113 9.34 7.65 -23.74
N GLU A 114 9.88 7.44 -22.55
CA GLU A 114 9.32 8.02 -21.34
C GLU A 114 10.38 8.02 -20.25
N ILE A 115 10.16 8.85 -19.23
CA ILE A 115 11.04 8.94 -18.08
C ILE A 115 10.23 8.63 -16.84
N MET A 116 10.80 7.82 -15.93
CA MET A 116 10.08 7.40 -14.75
C MET A 116 10.92 7.64 -13.50
N LEU A 117 10.26 8.07 -12.42
CA LEU A 117 10.92 8.22 -11.14
C LEU A 117 9.89 8.02 -10.04
N GLU A 118 10.39 7.70 -8.85
CA GLU A 118 9.56 7.67 -7.66
C GLU A 118 10.06 8.75 -6.71
N THR A 119 9.14 9.29 -5.92
CA THR A 119 9.51 10.29 -4.93
C THR A 119 8.47 10.30 -3.83
N GLU A 120 8.83 10.90 -2.70
CA GLU A 120 7.93 10.96 -1.57
C GLU A 120 6.76 11.90 -1.87
N VAL A 121 5.59 11.55 -1.34
CA VAL A 121 4.44 12.44 -1.49
C VAL A 121 4.64 13.73 -0.73
N GLU A 122 5.50 13.74 0.29
CA GLU A 122 5.77 14.93 1.09
C GLU A 122 6.94 15.75 0.54
N ASN A 123 7.60 15.28 -0.51
CA ASN A 123 8.73 16.01 -1.10
C ASN A 123 8.17 17.04 -2.08
N SER A 124 7.72 18.16 -1.51
CA SER A 124 7.13 19.23 -2.31
C SER A 124 8.13 19.78 -3.32
N ALA A 125 9.39 19.90 -2.90
CA ALA A 125 10.42 20.45 -3.78
C ALA A 125 10.64 19.57 -5.00
N ALA A 126 10.66 18.26 -4.81
CA ALA A 126 10.86 17.36 -5.94
C ALA A 126 9.64 17.32 -6.85
N LEU A 127 8.45 17.33 -6.26
CA LEU A 127 7.22 17.33 -7.07
C LEU A 127 7.13 18.60 -7.91
N ASN A 128 7.48 19.75 -7.34
CA ASN A 128 7.43 21.00 -8.09
C ASN A 128 8.39 20.99 -9.26
N LEU A 129 9.62 20.54 -9.03
CA LEU A 129 10.62 20.47 -10.08
C LEU A 129 10.12 19.62 -11.24
N TYR A 130 9.60 18.43 -10.95
CA TYR A 130 9.28 17.45 -11.98
C TYR A 130 7.95 17.78 -12.68
N GLU A 131 6.90 18.05 -11.90
CA GLU A 131 5.60 18.34 -12.50
C GLU A 131 5.65 19.61 -13.34
N GLY A 132 6.48 20.57 -12.97
CA GLY A 132 6.68 21.76 -13.79
C GLY A 132 7.38 21.46 -15.10
N MET A 133 8.02 20.30 -15.22
CA MET A 133 8.65 19.87 -16.46
C MET A 133 7.71 19.06 -17.33
N GLY A 134 6.54 18.69 -16.82
CA GLY A 134 5.56 17.91 -17.54
C GLY A 134 5.24 16.58 -16.92
N PHE A 135 5.98 16.16 -15.90
CA PHE A 135 5.68 14.92 -15.20
C PHE A 135 4.29 14.97 -14.59
N ILE A 136 3.60 13.84 -14.58
CA ILE A 136 2.34 13.70 -13.88
C ILE A 136 2.40 12.43 -13.04
N ARG A 137 1.54 12.37 -12.04
CA ARG A 137 1.51 11.25 -11.12
C ARG A 137 0.67 10.12 -11.71
N MET A 138 1.30 8.95 -11.87
CA MET A 138 0.60 7.80 -12.44
C MET A 138 0.25 6.75 -11.41
N LYS A 139 0.71 6.90 -10.17
CA LYS A 139 0.54 5.85 -9.18
C LYS A 139 0.90 6.41 -7.81
N ARG A 140 0.27 5.84 -6.78
CA ARG A 140 0.61 6.14 -5.39
C ARG A 140 0.86 4.82 -4.68
N MET A 141 2.01 4.71 -4.01
CA MET A 141 2.47 3.47 -3.41
C MET A 141 2.40 3.58 -1.89
N PHE A 142 1.67 2.65 -1.26
CA PHE A 142 1.37 2.76 0.16
C PHE A 142 2.60 2.44 1.00
N ARG A 143 3.03 3.42 1.80
CA ARG A 143 4.19 3.29 2.69
C ARG A 143 5.42 2.78 1.92
N TYR A 144 5.59 3.29 0.71
CA TYR A 144 6.75 2.93 -0.11
C TYR A 144 8.04 3.29 0.62
N TYR A 145 8.07 4.44 1.29
CA TYR A 145 9.21 4.89 2.07
C TYR A 145 9.01 4.66 3.56
N LEU A 146 8.19 3.67 3.91
CA LEU A 146 8.01 3.22 5.30
C LEU A 146 7.46 4.40 6.12
N ASN A 147 8.10 4.78 7.22
CA ASN A 147 7.61 5.84 8.09
C ASN A 147 7.75 7.24 7.48
N GLU A 148 8.51 7.39 6.41
CA GLU A 148 8.53 8.69 5.73
C GLU A 148 7.25 8.93 4.95
N GLY A 149 6.58 7.86 4.53
CA GLY A 149 5.26 7.99 3.94
C GLY A 149 5.14 7.30 2.59
N ASP A 150 4.07 7.65 1.88
CA ASP A 150 3.80 7.07 0.58
C ASP A 150 4.72 7.66 -0.49
N ALA A 151 4.64 7.08 -1.68
CA ALA A 151 5.37 7.56 -2.83
C ALA A 151 4.41 7.89 -3.95
N PHE A 152 4.85 8.79 -4.83
CA PHE A 152 4.22 8.99 -6.13
C PHE A 152 5.15 8.44 -7.19
N LYS A 153 4.57 7.80 -8.19
CA LYS A 153 5.29 7.39 -9.39
C LYS A 153 5.02 8.45 -10.44
N LEU A 154 6.08 9.07 -10.95
CA LEU A 154 5.98 10.16 -11.92
C LEU A 154 6.50 9.69 -13.27
N ILE A 155 5.76 9.98 -14.33
CA ILE A 155 6.14 9.61 -15.69
C ILE A 155 6.01 10.83 -16.60
N LEU A 156 7.01 11.03 -17.43
CA LEU A 156 7.01 12.10 -18.43
C LEU A 156 7.09 11.47 -19.80
N PRO A 157 6.03 11.55 -20.61
CA PRO A 157 6.07 10.90 -21.93
C PRO A 157 6.84 11.75 -22.93
N LEU A 158 7.79 11.11 -23.62
CA LEU A 158 8.55 11.77 -24.67
C LEU A 158 8.06 11.42 -26.06
N THR A 159 7.47 10.24 -26.23
CA THR A 159 6.85 9.85 -27.49
C THR A 159 5.46 9.30 -27.21
N PRO B 2 37.43 -12.24 23.21
CA PRO B 2 36.64 -11.68 24.31
C PRO B 2 36.96 -12.37 25.63
N MET B 3 36.60 -11.75 26.77
CA MET B 3 36.88 -12.34 28.08
C MET B 3 36.16 -13.67 28.29
N GLU B 4 35.08 -13.92 27.56
CA GLU B 4 34.31 -15.15 27.75
C GLU B 4 35.09 -16.35 27.26
N VAL B 5 34.81 -17.50 27.88
CA VAL B 5 35.61 -18.71 27.63
C VAL B 5 35.33 -19.28 26.24
N ASP B 6 34.05 -19.50 25.91
CA ASP B 6 33.73 -20.15 24.63
C ASP B 6 34.13 -19.29 23.44
N SER B 7 34.16 -17.97 23.61
CA SER B 7 34.60 -17.11 22.52
C SER B 7 36.09 -17.29 22.24
N ILE B 8 36.89 -17.44 23.31
CA ILE B 8 38.33 -17.66 23.16
C ILE B 8 38.59 -18.98 22.44
N LEU B 9 37.96 -20.06 22.92
CA LEU B 9 38.20 -21.38 22.35
C LEU B 9 37.62 -21.52 20.94
N GLY B 10 36.51 -20.83 20.66
CA GLY B 10 35.90 -20.94 19.35
C GLY B 10 36.76 -20.38 18.23
N SER B 11 37.62 -19.42 18.55
CA SER B 11 38.48 -18.82 17.54
C SER B 11 39.45 -19.84 16.95
N LEU B 12 39.89 -20.81 17.75
CA LEU B 12 40.80 -21.83 17.23
C LEU B 12 40.13 -22.73 16.21
N SER B 13 38.82 -22.95 16.35
CA SER B 13 38.10 -23.91 15.53
C SER B 13 37.31 -23.24 14.41
N ILE B 14 37.57 -21.96 14.13
CA ILE B 14 36.81 -21.26 13.08
C ILE B 14 37.06 -21.88 11.72
N THR B 15 38.33 -22.15 11.40
CA THR B 15 38.70 -22.70 10.11
C THR B 15 38.80 -24.23 10.11
N ASP B 16 38.28 -24.89 11.16
CA ASP B 16 38.41 -26.34 11.26
C ASP B 16 37.62 -27.04 10.16
N ASP B 17 36.45 -26.52 9.80
CA ASP B 17 35.65 -27.13 8.75
C ASP B 17 36.38 -27.17 7.41
N PHE B 18 37.44 -26.39 7.25
CA PHE B 18 38.26 -26.40 6.04
C PHE B 18 39.51 -27.24 6.27
N ASP B 19 39.78 -28.14 5.32
CA ASP B 19 40.98 -28.97 5.43
C ASP B 19 42.24 -28.15 5.22
N GLN B 20 42.23 -27.24 4.24
CA GLN B 20 43.40 -26.45 3.90
C GLN B 20 42.98 -25.08 3.38
N LEU B 21 43.75 -24.06 3.75
CA LEU B 21 43.46 -22.70 3.30
C LEU B 21 44.70 -22.07 2.69
N VAL B 22 44.52 -21.35 1.58
CA VAL B 22 45.60 -20.69 0.88
C VAL B 22 45.27 -19.20 0.77
N ASP B 23 46.21 -18.36 1.20
CA ASP B 23 46.01 -16.91 1.08
C ASP B 23 46.11 -16.50 -0.38
N VAL B 24 45.12 -15.74 -0.84
CA VAL B 24 45.02 -15.28 -2.22
C VAL B 24 44.96 -13.76 -2.31
N THR B 25 45.19 -13.07 -1.20
CA THR B 25 45.07 -11.62 -1.17
C THR B 25 45.95 -10.96 -2.22
N SER B 26 47.24 -11.32 -2.22
CA SER B 26 48.18 -10.68 -3.13
C SER B 26 47.81 -10.93 -4.59
N LEU B 27 47.37 -12.15 -4.90
CA LEU B 27 46.98 -12.47 -6.28
C LEU B 27 45.77 -11.66 -6.72
N PHE B 28 44.76 -11.53 -5.83
CA PHE B 28 43.56 -10.78 -6.17
C PHE B 28 43.88 -9.34 -6.51
N ASP B 29 44.76 -8.70 -5.73
CA ASP B 29 45.13 -7.32 -6.01
C ASP B 29 45.83 -7.19 -7.35
N GLU B 30 46.76 -8.09 -7.63
CA GLU B 30 47.50 -8.04 -8.89
C GLU B 30 46.56 -8.22 -10.08
N LEU B 31 45.63 -9.17 -9.99
CA LEU B 31 44.67 -9.35 -11.07
C LEU B 31 43.76 -8.14 -11.20
N CYS B 32 43.30 -7.58 -10.07
CA CYS B 32 42.46 -6.39 -10.10
C CYS B 32 43.19 -5.18 -10.68
N SER B 33 44.51 -5.11 -10.51
CA SER B 33 45.26 -4.00 -11.07
C SER B 33 45.20 -4.00 -12.59
N LYS B 34 45.20 -5.19 -13.20
CA LYS B 34 45.14 -5.27 -14.66
C LYS B 34 43.79 -4.82 -15.19
N LEU B 35 42.75 -4.93 -14.37
CA LEU B 35 41.41 -4.58 -14.80
C LEU B 35 41.26 -3.08 -15.01
N LYS B 36 40.42 -2.72 -15.98
CA LYS B 36 40.08 -1.34 -16.27
C LYS B 36 39.09 -0.81 -15.24
N PRO B 37 39.08 0.50 -14.98
CA PRO B 37 38.18 1.03 -13.95
C PRO B 37 36.72 0.69 -14.20
N GLU B 38 36.26 0.79 -15.45
CA GLU B 38 34.87 0.50 -15.76
C GLU B 38 34.54 -0.99 -15.73
N ALA B 39 35.55 -1.86 -15.68
CA ALA B 39 35.33 -3.29 -15.78
C ALA B 39 34.77 -3.88 -14.49
N ILE B 40 33.94 -4.91 -14.64
CA ILE B 40 33.40 -5.68 -13.53
C ILE B 40 33.50 -7.14 -13.89
N VAL B 41 34.13 -7.92 -13.03
CA VAL B 41 34.23 -9.36 -13.23
C VAL B 41 33.06 -10.01 -12.49
N LYS B 42 32.27 -10.80 -13.20
CA LYS B 42 31.06 -11.38 -12.65
C LYS B 42 30.63 -12.53 -13.55
N ASP B 43 29.63 -13.27 -13.07
CA ASP B 43 29.04 -14.31 -13.88
C ASP B 43 28.28 -13.67 -15.04
N PRO B 44 28.40 -14.22 -16.25
CA PRO B 44 27.70 -13.61 -17.40
C PRO B 44 26.19 -13.60 -17.24
N ARG B 45 25.63 -14.67 -16.66
CA ARG B 45 24.19 -14.73 -16.43
C ARG B 45 23.75 -13.69 -15.41
N PHE B 46 24.61 -13.35 -14.46
CA PHE B 46 24.22 -12.54 -13.32
C PHE B 46 23.85 -11.13 -13.72
N ASP B 47 22.80 -10.60 -13.11
CA ASP B 47 22.35 -9.24 -13.33
C ASP B 47 22.78 -8.39 -12.14
N LEU B 48 23.44 -7.25 -12.44
CA LEU B 48 23.93 -6.38 -11.38
C LEU B 48 22.81 -5.68 -10.61
N PHE B 49 21.58 -5.72 -11.12
CA PHE B 49 20.46 -5.19 -10.34
C PHE B 49 20.26 -5.98 -9.05
N GLU B 50 20.61 -7.27 -9.09
CA GLU B 50 20.52 -8.10 -7.90
C GLU B 50 21.39 -7.58 -6.77
N GLY B 51 22.49 -6.91 -7.10
CA GLY B 51 23.38 -6.33 -6.11
C GLY B 51 22.91 -5.06 -5.46
N THR B 52 21.79 -4.50 -5.91
CA THR B 52 21.27 -3.25 -5.36
C THR B 52 20.59 -3.43 -4.01
N HIS B 53 20.33 -4.66 -3.57
CA HIS B 53 19.79 -4.93 -2.24
CA HIS B 53 19.78 -4.95 -2.25
C HIS B 53 20.82 -5.59 -1.33
N SER B 54 22.08 -5.25 -1.50
CA SER B 54 23.18 -5.82 -0.74
C SER B 54 23.53 -4.97 0.47
N LEU B 55 24.04 -5.63 1.50
CA LEU B 55 24.57 -4.96 2.67
C LEU B 55 26.01 -4.53 2.41
N GLU B 56 26.56 -3.74 3.32
CA GLU B 56 27.95 -3.29 3.20
C GLU B 56 28.59 -3.31 4.57
N VAL B 57 29.73 -4.01 4.68
CA VAL B 57 30.42 -4.10 5.96
C VAL B 57 31.07 -2.77 6.29
N ASN B 58 31.20 -2.49 7.58
CA ASN B 58 31.84 -1.28 8.10
C ASN B 58 31.13 -0.01 7.60
N ASN B 59 29.80 -0.10 7.49
CA ASN B 59 28.92 1.04 7.25
C ASN B 59 27.85 1.01 8.32
N SER B 60 27.84 2.03 9.19
CA SER B 60 26.95 2.03 10.36
C SER B 60 25.51 1.75 9.98
N LYS B 61 25.03 2.39 8.90
CA LYS B 61 23.63 2.30 8.51
C LYS B 61 23.32 1.06 7.68
N LEU B 62 24.34 0.31 7.25
CA LEU B 62 24.13 -0.89 6.46
C LEU B 62 24.76 -2.15 7.07
N ASP B 63 25.47 -2.03 8.19
CA ASP B 63 26.13 -3.17 8.83
C ASP B 63 25.45 -3.46 10.17
N SER B 64 24.88 -4.66 10.31
CA SER B 64 24.18 -5.02 11.54
CA SER B 64 24.17 -5.04 11.53
C SER B 64 25.13 -5.29 12.69
N SER B 65 26.37 -5.67 12.38
CA SER B 65 27.36 -6.01 13.39
C SER B 65 27.89 -4.80 14.14
N LEU B 66 27.71 -3.59 13.62
CA LEU B 66 28.22 -2.39 14.27
C LEU B 66 27.22 -1.75 15.22
N ILE B 67 26.06 -2.39 15.45
CA ILE B 67 25.07 -1.84 16.35
C ILE B 67 25.67 -1.64 17.74
N GLU B 68 25.51 -0.43 18.27
CA GLU B 68 25.98 -0.13 19.62
C GLU B 68 24.94 -0.58 20.63
N LEU B 69 25.38 -1.26 21.68
CA LEU B 69 24.50 -1.74 22.74
C LEU B 69 25.07 -1.33 24.08
N THR B 70 24.17 -1.06 25.03
CA THR B 70 24.58 -0.79 26.40
C THR B 70 24.89 -2.11 27.10
N ALA B 71 25.58 -2.00 28.24
CA ALA B 71 25.97 -3.20 29.00
C ALA B 71 24.74 -3.99 29.44
N GLU B 72 23.68 -3.29 29.83
CA GLU B 72 22.43 -3.98 30.16
C GLU B 72 21.89 -4.75 28.96
N GLU B 73 21.94 -4.13 27.78
CA GLU B 73 21.46 -4.83 26.59
C GLU B 73 22.35 -6.02 26.24
N ILE B 74 23.66 -5.87 26.44
CA ILE B 74 24.59 -6.93 26.07
C ILE B 74 24.49 -8.11 27.04
N GLU B 75 24.28 -7.83 28.32
CA GLU B 75 24.36 -8.86 29.34
C GLU B 75 23.02 -9.22 29.96
N PHE B 76 21.91 -8.85 29.32
CA PHE B 76 20.60 -9.21 29.86
C PHE B 76 20.44 -10.73 29.88
N ASP B 77 20.03 -11.25 31.03
CA ASP B 77 19.85 -12.68 31.23
C ASP B 77 18.39 -12.96 31.49
N VAL B 78 17.80 -13.87 30.70
CA VAL B 78 16.40 -14.22 30.91
C VAL B 78 16.22 -15.02 32.20
N ASN B 79 17.27 -15.72 32.64
CA ASN B 79 17.19 -16.56 33.83
C ASN B 79 17.26 -15.79 35.14
N VAL B 80 17.53 -14.50 35.10
CA VAL B 80 17.57 -13.67 36.31
C VAL B 80 16.19 -13.08 36.54
N ALA B 81 15.70 -13.18 37.77
CA ALA B 81 14.41 -12.61 38.16
C ALA B 81 14.66 -11.22 38.73
N TYR B 82 14.43 -10.19 37.91
CA TYR B 82 14.76 -8.83 38.31
C TYR B 82 13.75 -8.30 39.34
N ASP B 83 14.18 -7.25 40.06
CA ASP B 83 13.40 -6.70 41.16
C ASP B 83 12.87 -5.30 40.82
N PRO B 84 11.66 -4.96 41.29
CA PRO B 84 10.72 -5.90 41.92
C PRO B 84 9.99 -6.75 40.89
N PRO B 85 9.80 -8.03 41.20
CA PRO B 85 9.28 -8.97 40.17
C PRO B 85 7.91 -8.60 39.62
N LEU B 86 6.93 -8.31 40.48
CA LEU B 86 5.59 -8.02 39.98
C LEU B 86 5.59 -6.75 39.13
N ALA B 87 6.24 -5.69 39.61
CA ALA B 87 6.31 -4.45 38.85
C ALA B 87 7.09 -4.63 37.55
N SER B 88 8.08 -5.53 37.53
CA SER B 88 8.88 -5.73 36.32
C SER B 88 8.21 -6.68 35.34
N VAL B 89 7.55 -7.74 35.83
CA VAL B 89 6.87 -8.67 34.92
C VAL B 89 5.71 -7.98 34.22
N ALA B 90 4.97 -7.16 34.95
CA ALA B 90 3.87 -6.42 34.34
C ALA B 90 4.38 -5.45 33.29
N ALA B 91 5.47 -4.73 33.60
CA ALA B 91 6.02 -3.78 32.64
C ALA B 91 6.50 -4.47 31.38
N ILE B 92 7.12 -5.65 31.53
CA ILE B 92 7.53 -6.44 30.36
C ILE B 92 6.31 -6.83 29.53
N ALA B 93 5.27 -7.34 30.19
CA ALA B 93 4.07 -7.77 29.49
C ALA B 93 3.38 -6.60 28.80
N ASP B 94 3.34 -5.44 29.47
CA ASP B 94 2.72 -4.27 28.87
C ASP B 94 3.47 -3.82 27.62
N ARG B 95 4.80 -3.80 27.68
CA ARG B 95 5.58 -3.36 26.52
C ARG B 95 5.42 -4.31 25.34
N LEU B 96 5.36 -5.61 25.62
CA LEU B 96 5.17 -6.59 24.55
C LEU B 96 3.84 -6.36 23.84
N LEU B 97 2.78 -6.11 24.59
CA LEU B 97 1.48 -5.85 23.97
C LEU B 97 1.50 -4.58 23.14
N ARG B 98 2.16 -3.53 23.66
CA ARG B 98 2.29 -2.31 22.88
C ARG B 98 3.23 -2.50 21.70
N CYS B 99 4.15 -3.47 21.78
CA CYS B 99 4.94 -3.84 20.62
C CYS B 99 4.07 -4.49 19.56
N VAL B 100 3.09 -5.29 20.00
CA VAL B 100 2.16 -5.90 19.06
C VAL B 100 1.35 -4.85 18.34
N ILE B 101 0.91 -3.81 19.06
CA ILE B 101 0.14 -2.75 18.43
C ILE B 101 1.00 -1.98 17.45
N SER B 102 2.24 -1.67 17.85
CA SER B 102 3.15 -0.98 16.95
C SER B 102 3.42 -1.82 15.70
N TRP B 103 3.45 -3.15 15.85
CA TRP B 103 3.65 -4.05 14.72
C TRP B 103 2.49 -3.98 13.75
N LEU B 104 1.28 -4.24 14.24
CA LEU B 104 0.11 -4.41 13.38
C LEU B 104 -0.59 -3.09 13.05
N ASN B 105 -0.82 -2.23 14.03
CA ASN B 105 -1.53 -0.98 13.78
C ASN B 105 -0.65 0.08 13.14
N ASP B 106 0.62 0.17 13.53
CA ASP B 106 1.51 1.22 13.06
C ASP B 106 2.47 0.74 11.99
N TYR B 107 2.32 -0.49 11.50
CA TYR B 107 3.10 -1.02 10.37
C TYR B 107 4.60 -1.03 10.64
N GLN B 108 4.99 -1.34 11.88
CA GLN B 108 6.40 -1.47 12.19
C GLN B 108 6.86 -2.91 11.96
N THR B 109 8.17 -3.06 11.78
CA THR B 109 8.73 -4.36 11.43
C THR B 109 8.64 -5.32 12.62
N LEU B 110 8.57 -6.62 12.30
CA LEU B 110 8.56 -7.64 13.34
C LEU B 110 9.85 -7.68 14.14
N PRO B 111 11.05 -7.51 13.55
CA PRO B 111 12.28 -7.54 14.37
C PRO B 111 12.35 -6.44 15.41
N THR B 112 11.85 -5.24 15.12
CA THR B 112 11.92 -4.14 16.07
C THR B 112 10.75 -4.11 17.04
N THR B 113 9.78 -5.04 16.93
CA THR B 113 8.62 -5.03 17.80
C THR B 113 8.62 -6.32 18.60
N VAL B 114 7.85 -7.33 18.20
CA VAL B 114 7.69 -8.53 19.01
C VAL B 114 9.03 -9.25 19.19
N LEU B 115 9.85 -9.27 18.14
CA LEU B 115 11.12 -9.99 18.22
C LEU B 115 12.16 -9.24 19.04
N SER B 116 11.95 -7.95 19.31
CA SER B 116 12.87 -7.20 20.15
C SER B 116 12.87 -7.68 21.59
N CYS B 117 11.81 -8.37 22.01
CA CYS B 117 11.73 -8.89 23.37
C CYS B 117 12.61 -10.12 23.50
N ARG B 118 13.52 -10.09 24.49
CA ARG B 118 14.46 -11.20 24.66
C ARG B 118 13.76 -12.49 25.01
N TYR B 119 12.62 -12.42 25.71
CA TYR B 119 11.92 -13.63 26.10
C TYR B 119 11.28 -14.31 24.90
N THR B 120 10.70 -13.52 23.98
CA THR B 120 10.16 -14.11 22.76
C THR B 120 11.27 -14.75 21.93
N GLU B 121 12.41 -14.08 21.82
CA GLU B 121 13.57 -14.68 21.17
C GLU B 121 13.97 -15.97 21.87
N SER B 122 13.95 -15.97 23.21
CA SER B 122 14.34 -17.16 23.96
C SER B 122 13.33 -18.28 23.77
N LEU B 123 12.04 -17.97 23.92
CA LEU B 123 11.02 -19.00 23.81
C LEU B 123 11.00 -19.63 22.42
N LEU B 124 11.08 -18.80 21.38
CA LEU B 124 11.03 -19.31 20.01
C LEU B 124 12.23 -20.20 19.70
N SER B 125 13.38 -19.95 20.32
CA SER B 125 14.58 -20.73 20.02
C SER B 125 14.45 -22.17 20.53
N SER B 126 13.81 -22.37 21.68
CA SER B 126 13.64 -23.73 22.18
C SER B 126 12.58 -24.49 21.38
N LEU B 127 11.60 -23.77 20.81
CA LEU B 127 10.58 -24.42 20.01
C LEU B 127 11.15 -24.92 18.68
N VAL B 128 12.11 -24.18 18.11
CA VAL B 128 12.73 -24.58 16.86
C VAL B 128 13.42 -25.93 17.00
N LYS B 129 14.13 -26.13 18.11
CA LYS B 129 14.87 -27.37 18.30
C LYS B 129 13.94 -28.56 18.49
N GLY B 130 12.81 -28.36 19.17
CA GLY B 130 11.86 -29.44 19.38
C GLY B 130 10.80 -29.03 20.38
N THR B 131 10.17 -30.05 20.98
CA THR B 131 9.14 -29.87 21.99
C THR B 131 8.02 -28.95 21.52
N GLY B 134 6.38 -26.01 29.49
CA GLY B 134 7.74 -25.73 29.90
C GLY B 134 8.33 -24.52 29.21
N SER B 135 8.70 -23.52 30.00
CA SER B 135 9.32 -22.32 29.46
C SER B 135 10.80 -22.54 29.20
N SER B 136 11.34 -21.76 28.26
CA SER B 136 12.73 -21.91 27.86
C SER B 136 13.69 -21.50 28.97
N TRP B 137 13.32 -20.50 29.77
CA TRP B 137 14.17 -19.98 30.83
C TRP B 137 13.60 -20.34 32.19
N CYS B 138 14.47 -20.44 33.19
CA CYS B 138 14.05 -20.75 34.55
C CYS B 138 14.76 -19.80 35.52
N THR B 139 13.97 -18.99 36.23
CA THR B 139 14.52 -18.07 37.22
C THR B 139 14.23 -18.48 38.65
N GLY B 140 13.33 -19.43 38.87
CA GLY B 140 12.94 -19.80 40.21
C GLY B 140 11.86 -18.93 40.82
N ASN B 141 11.38 -17.93 40.10
CA ASN B 141 10.32 -17.05 40.55
C ASN B 141 9.04 -17.35 39.78
N ILE B 142 7.91 -17.36 40.48
CA ILE B 142 6.66 -17.79 39.85
C ILE B 142 6.15 -16.75 38.86
N LEU B 143 6.46 -15.47 39.03
CA LEU B 143 5.97 -14.46 38.10
C LEU B 143 6.74 -14.51 36.79
N TYR B 144 8.06 -14.65 36.87
CA TYR B 144 8.87 -14.68 35.65
C TYR B 144 8.73 -16.00 34.91
N ASP B 145 8.67 -17.13 35.64
CA ASP B 145 8.71 -18.44 35.00
C ASP B 145 7.35 -18.93 34.52
N LYS B 146 6.28 -18.60 35.23
CA LYS B 146 4.95 -19.10 34.88
C LYS B 146 4.06 -18.02 34.29
N VAL B 147 3.91 -16.87 34.96
CA VAL B 147 3.05 -15.81 34.45
C VAL B 147 3.64 -15.23 33.17
N LEU B 148 4.91 -14.80 33.22
CA LEU B 148 5.52 -14.22 32.04
C LEU B 148 5.70 -15.25 30.94
N GLY B 149 6.06 -16.48 31.31
CA GLY B 149 6.17 -17.53 30.31
C GLY B 149 4.88 -17.75 29.54
N SER B 150 3.74 -17.67 30.22
CA SER B 150 2.46 -17.80 29.53
C SER B 150 2.23 -16.62 28.60
N CYS B 151 2.56 -15.40 29.05
CA CYS B 151 2.39 -14.22 28.22
C CYS B 151 3.16 -14.35 26.92
N ILE B 152 4.44 -14.76 27.01
CA ILE B 152 5.27 -14.90 25.82
C ILE B 152 4.67 -15.94 24.88
N LEU B 153 4.15 -17.03 25.43
CA LEU B 153 3.52 -18.05 24.61
C LEU B 153 2.29 -17.52 23.89
N GLY B 154 1.50 -16.69 24.58
CA GLY B 154 0.30 -16.15 23.96
C GLY B 154 0.61 -15.26 22.77
N VAL B 155 1.57 -14.36 22.94
CA VAL B 155 1.98 -13.49 21.84
C VAL B 155 2.62 -14.32 20.72
N CYS B 156 3.45 -15.30 21.10
CA CYS B 156 4.09 -16.13 20.08
C CYS B 156 3.05 -16.93 19.30
N TYR B 157 2.00 -17.38 19.98
CA TYR B 157 0.90 -18.07 19.29
C TYR B 157 0.20 -17.10 18.33
N LEU B 158 0.07 -15.84 18.73
CA LEU B 158 -0.59 -14.85 17.90
C LEU B 158 0.17 -14.61 16.60
N THR B 159 1.50 -14.43 16.69
CA THR B 159 2.27 -14.15 15.48
C THR B 159 2.22 -15.33 14.52
N LYS B 160 2.23 -16.55 15.05
CA LYS B 160 2.06 -17.72 14.19
C LYS B 160 0.73 -17.68 13.46
N PHE B 161 -0.34 -17.24 14.13
CA PHE B 161 -1.63 -17.14 13.46
C PHE B 161 -1.61 -16.05 12.40
N VAL B 162 -0.94 -14.92 12.68
CA VAL B 162 -0.77 -13.87 11.69
C VAL B 162 -0.05 -14.43 10.46
N GLN B 163 0.95 -15.28 10.70
CA GLN B 163 1.69 -15.89 9.60
C GLN B 163 0.77 -16.68 8.68
N LYS B 164 -0.17 -17.44 9.26
CA LYS B 164 -1.12 -18.19 8.45
C LYS B 164 -1.99 -17.25 7.62
N LEU B 165 -2.45 -16.15 8.22
CA LEU B 165 -3.25 -15.16 7.50
C LEU B 165 -2.50 -14.63 6.29
N LEU B 166 -1.22 -14.28 6.48
CA LEU B 166 -0.42 -13.76 5.36
C LEU B 166 -0.17 -14.81 4.30
N SER B 167 -0.07 -16.08 4.69
CA SER B 167 0.19 -17.13 3.71
C SER B 167 -0.93 -17.21 2.68
N ALA B 168 -2.14 -16.75 3.02
CA ALA B 168 -3.26 -16.81 2.10
C ALA B 168 -3.14 -15.82 0.94
N GLY B 169 -2.22 -14.88 1.02
CA GLY B 169 -2.03 -13.93 -0.07
C GLY B 169 -3.14 -12.92 -0.26
N ILE B 170 -3.86 -12.58 0.82
CA ILE B 170 -4.96 -11.62 0.70
C ILE B 170 -4.44 -10.20 0.50
N VAL B 171 -3.43 -9.80 1.28
CA VAL B 171 -2.85 -8.48 1.19
C VAL B 171 -1.37 -8.61 0.84
N PHE B 172 -0.74 -7.45 0.63
CA PHE B 172 0.65 -7.38 0.17
C PHE B 172 1.59 -7.27 1.36
N GLU B 173 2.51 -8.22 1.48
CA GLU B 173 3.43 -8.27 2.60
C GLU B 173 4.44 -7.14 2.50
N GLU B 174 4.96 -6.72 3.67
CA GLU B 174 5.91 -5.63 3.82
C GLU B 174 5.35 -4.30 3.32
N GLU B 175 4.03 -4.18 3.28
CA GLU B 175 3.33 -2.96 2.91
C GLU B 175 2.14 -2.83 3.86
N ASP B 176 1.23 -3.80 3.82
CA ASP B 176 0.14 -3.85 4.78
C ASP B 176 0.59 -4.47 6.10
N LEU B 177 1.55 -5.38 6.04
CA LEU B 177 2.00 -6.11 7.22
C LEU B 177 3.39 -6.68 6.97
N ASN B 178 4.30 -6.40 7.91
CA ASN B 178 5.66 -6.90 7.87
C ASN B 178 5.74 -8.23 8.59
N PHE B 179 6.35 -9.23 7.95
CA PHE B 179 6.60 -10.51 8.62
C PHE B 179 8.04 -10.95 8.39
N ASN B 180 8.97 -10.15 8.90
CA ASN B 180 10.39 -10.48 8.88
C ASN B 180 10.68 -11.20 10.19
N ASN B 181 10.51 -12.51 10.20
CA ASN B 181 10.67 -13.30 11.42
C ASN B 181 12.09 -13.84 11.57
N MET B 182 13.05 -13.32 10.81
CA MET B 182 14.47 -13.62 10.97
C MET B 182 14.74 -15.13 10.91
N GLY B 183 14.07 -15.81 9.97
CA GLY B 183 14.30 -17.22 9.78
C GLY B 183 13.81 -18.12 10.91
N PHE B 184 12.65 -17.82 11.49
CA PHE B 184 12.07 -18.63 12.55
C PHE B 184 11.00 -19.53 11.96
N ASN B 185 11.22 -20.84 12.03
CA ASN B 185 10.23 -21.84 11.66
C ASN B 185 10.05 -22.77 12.85
N THR B 186 8.83 -22.81 13.40
CA THR B 186 8.54 -23.62 14.57
C THR B 186 7.91 -24.96 14.23
N PHE B 187 7.67 -25.23 12.95
CA PHE B 187 7.06 -26.48 12.47
C PHE B 187 5.75 -26.68 13.23
N ASP B 188 5.49 -27.88 13.76
CA ASP B 188 4.34 -28.13 14.61
C ASP B 188 4.73 -28.17 16.09
N ASN B 189 5.92 -27.70 16.43
CA ASN B 189 6.39 -27.76 17.81
C ASN B 189 5.61 -26.82 18.73
N LEU B 190 5.17 -25.67 18.22
CA LEU B 190 4.42 -24.75 19.05
C LEU B 190 3.08 -25.37 19.44
N PRO B 191 2.68 -25.25 20.70
CA PRO B 191 1.49 -25.97 21.19
C PRO B 191 0.21 -25.45 20.54
N GLY B 192 -0.86 -26.23 20.72
CA GLY B 192 -2.15 -25.88 20.18
C GLY B 192 -2.87 -24.83 21.01
N GLN B 193 -4.05 -24.44 20.53
CA GLN B 193 -4.77 -23.33 21.16
C GLN B 193 -5.21 -23.68 22.57
N ASP B 194 -5.71 -24.89 22.79
CA ASP B 194 -6.19 -25.28 24.11
C ASP B 194 -5.08 -25.15 25.15
N VAL B 195 -3.87 -25.59 24.79
CA VAL B 195 -2.75 -25.53 25.73
C VAL B 195 -2.41 -24.08 26.06
N VAL B 196 -2.46 -23.20 25.06
CA VAL B 196 -2.10 -21.81 25.28
C VAL B 196 -3.08 -21.13 26.22
N ILE B 197 -4.39 -21.35 26.01
CA ILE B 197 -5.38 -20.72 26.87
C ILE B 197 -5.28 -21.26 28.29
N ASN B 198 -5.04 -22.56 28.43
CA ASN B 198 -4.91 -23.15 29.76
C ASN B 198 -3.71 -22.59 30.50
N SER B 199 -2.60 -22.40 29.79
CA SER B 199 -1.42 -21.80 30.41
C SER B 199 -1.72 -20.39 30.90
N LEU B 200 -2.40 -19.60 30.09
CA LEU B 200 -2.81 -18.26 30.51
C LEU B 200 -3.83 -18.34 31.64
N THR B 201 -4.74 -19.32 31.58
CA THR B 201 -5.74 -19.47 32.64
C THR B 201 -5.09 -19.86 33.96
N GLU B 202 -4.10 -20.77 33.90
CA GLU B 202 -3.36 -21.14 35.11
C GLU B 202 -2.65 -19.94 35.71
N SER B 203 -2.05 -19.10 34.86
CA SER B 203 -1.38 -17.91 35.37
C SER B 203 -2.38 -16.94 35.98
N LEU B 204 -3.60 -16.87 35.42
CA LEU B 204 -4.64 -16.04 36.00
C LEU B 204 -4.98 -16.50 37.41
N GLN B 205 -5.16 -17.81 37.59
CA GLN B 205 -5.49 -18.34 38.90
C GLN B 205 -4.37 -18.09 39.90
N ILE B 206 -3.12 -18.12 39.43
CA ILE B 206 -2.00 -17.75 40.29
C ILE B 206 -2.13 -16.30 40.74
N LEU B 207 -2.44 -15.41 39.79
CA LEU B 207 -2.57 -13.99 40.11
C LEU B 207 -3.72 -13.74 41.06
N GLU B 208 -4.83 -14.47 40.88
CA GLU B 208 -5.99 -14.30 41.76
C GLU B 208 -5.72 -14.80 43.17
N ALA B 209 -4.81 -15.76 43.31
CA ALA B 209 -4.48 -16.30 44.63
C ALA B 209 -3.75 -15.28 45.49
N TYR B 210 -3.01 -14.36 44.87
CA TYR B 210 -2.24 -13.38 45.62
C TYR B 210 -3.14 -12.58 46.55
N SER B 211 -2.75 -12.52 47.83
CA SER B 211 -3.54 -11.81 48.83
C SER B 211 -3.42 -10.29 48.66
N ASP B 212 -2.19 -9.80 48.54
CA ASP B 212 -1.98 -8.36 48.38
C ASP B 212 -2.52 -7.88 47.05
N ASP B 213 -3.15 -6.71 47.06
CA ASP B 213 -3.70 -6.10 45.86
C ASP B 213 -2.92 -4.84 45.54
N SER B 214 -2.38 -4.79 44.33
CA SER B 214 -1.59 -3.65 43.86
C SER B 214 -2.09 -3.20 42.50
N LEU B 215 -1.81 -1.95 42.17
CA LEU B 215 -2.17 -1.44 40.85
C LEU B 215 -1.49 -2.24 39.75
N HIS B 216 -0.23 -2.62 39.96
CA HIS B 216 0.49 -3.42 38.97
C HIS B 216 -0.17 -4.77 38.77
N LEU B 217 -0.67 -5.39 39.85
CA LEU B 217 -1.30 -6.70 39.72
C LEU B 217 -2.59 -6.61 38.92
N THR B 218 -3.38 -5.57 39.14
CA THR B 218 -4.62 -5.41 38.40
C THR B 218 -4.34 -5.32 36.90
N MET B 219 -3.33 -4.54 36.52
CA MET B 219 -2.98 -4.42 35.11
C MET B 219 -2.54 -5.75 34.53
N LEU B 220 -1.74 -6.50 35.29
CA LEU B 220 -1.25 -7.78 34.80
C LEU B 220 -2.38 -8.79 34.66
N LYS B 221 -3.41 -8.69 35.52
CA LYS B 221 -4.60 -9.51 35.33
C LYS B 221 -5.28 -9.17 34.01
N HIS B 222 -5.44 -7.88 33.72
CA HIS B 222 -6.06 -7.48 32.46
C HIS B 222 -5.18 -7.83 31.27
N ILE B 223 -3.86 -7.63 31.41
CA ILE B 223 -2.94 -8.00 30.34
C ILE B 223 -3.12 -9.45 29.95
N LEU B 224 -3.19 -10.33 30.96
CA LEU B 224 -3.39 -11.74 30.69
C LEU B 224 -4.69 -11.99 29.96
N LYS B 225 -5.77 -11.34 30.37
CA LYS B 225 -7.07 -11.55 29.71
C LYS B 225 -7.05 -11.03 28.29
N ILE B 226 -6.33 -9.94 28.04
CA ILE B 226 -6.20 -9.41 26.68
C ILE B 226 -5.55 -10.45 25.77
N ILE B 227 -4.47 -11.07 26.25
CA ILE B 227 -3.76 -12.06 25.46
C ILE B 227 -4.66 -13.24 25.15
N ILE B 228 -5.49 -13.65 26.11
CA ILE B 228 -6.44 -14.74 25.88
C ILE B 228 -7.38 -14.39 24.72
N CYS B 229 -7.83 -13.14 24.66
CA CYS B 229 -8.70 -12.72 23.57
C CYS B 229 -7.97 -12.73 22.22
N LEU B 230 -6.72 -12.25 22.20
CA LEU B 230 -5.96 -12.27 20.95
C LEU B 230 -5.73 -13.69 20.47
N VAL B 231 -5.56 -14.64 21.40
CA VAL B 231 -5.40 -16.05 21.02
C VAL B 231 -6.69 -16.59 20.43
N HIS B 232 -7.84 -16.03 20.83
CA HIS B 232 -9.14 -16.45 20.33
C HIS B 232 -9.48 -15.85 18.96
N LEU B 233 -8.59 -15.02 18.40
CA LEU B 233 -8.92 -14.39 17.12
C LEU B 233 -9.02 -15.41 16.00
N GLU B 234 -8.34 -16.55 16.11
CA GLU B 234 -8.38 -17.57 15.07
C GLU B 234 -9.73 -18.29 15.00
N ASP B 235 -10.60 -18.12 15.99
CA ASP B 235 -11.89 -18.81 15.98
C ASP B 235 -12.74 -18.40 14.79
N HIS B 236 -12.56 -17.16 14.31
CA HIS B 236 -13.37 -16.66 13.20
C HIS B 236 -12.99 -17.30 11.87
N LEU B 237 -11.85 -18.00 11.81
CA LEU B 237 -11.48 -18.76 10.62
C LEU B 237 -11.61 -20.27 10.82
N THR B 238 -11.17 -20.79 11.98
CA THR B 238 -11.22 -22.23 12.19
C THR B 238 -12.66 -22.73 12.24
N ASP B 239 -13.55 -21.98 12.91
CA ASP B 239 -14.95 -22.36 13.04
C ASP B 239 -15.89 -21.36 12.39
N TYR B 240 -15.35 -20.28 11.82
CA TYR B 240 -16.15 -19.20 11.24
C TYR B 240 -17.15 -18.67 12.27
N SER B 241 -16.67 -18.50 13.49
CA SER B 241 -17.51 -18.05 14.59
C SER B 241 -17.88 -16.58 14.44
N THR B 242 -19.15 -16.27 14.68
CA THR B 242 -19.62 -14.89 14.67
C THR B 242 -19.75 -14.32 16.07
N LYS B 243 -19.47 -15.11 17.10
CA LYS B 243 -19.65 -14.67 18.47
C LYS B 243 -18.69 -13.54 18.82
N THR B 244 -19.21 -12.57 19.58
CA THR B 244 -18.50 -11.33 19.88
C THR B 244 -18.02 -11.23 21.33
N SER B 245 -18.02 -12.35 22.07
CA SER B 245 -17.69 -12.32 23.50
CA SER B 245 -17.68 -12.31 23.50
C SER B 245 -16.23 -11.94 23.75
N HIS B 246 -15.30 -12.71 23.18
CA HIS B 246 -13.88 -12.39 23.39
C HIS B 246 -13.52 -11.04 22.80
N LEU B 247 -14.20 -10.62 21.73
CA LEU B 247 -13.96 -9.29 21.19
C LEU B 247 -14.46 -8.21 22.14
N ASP B 248 -15.64 -8.42 22.74
CA ASP B 248 -16.13 -7.48 23.73
C ASP B 248 -15.24 -7.43 24.96
N GLU B 249 -14.77 -8.60 25.40
CA GLU B 249 -13.85 -8.64 26.55
C GLU B 249 -12.55 -7.91 26.24
N LEU B 250 -12.07 -8.02 25.01
CA LEU B 250 -10.86 -7.31 24.63
C LEU B 250 -11.04 -5.81 24.72
N ILE B 251 -12.22 -5.32 24.32
CA ILE B 251 -12.49 -3.89 24.40
C ILE B 251 -12.56 -3.42 25.85
N GLU B 252 -13.27 -4.18 26.69
CA GLU B 252 -13.42 -3.80 28.09
C GLU B 252 -12.06 -3.77 28.81
N ASN B 253 -11.24 -4.80 28.57
CA ASN B 253 -9.94 -4.86 29.24
C ASN B 253 -9.02 -3.76 28.75
N ALA B 254 -9.07 -3.42 27.46
CA ALA B 254 -8.24 -2.34 26.95
C ALA B 254 -8.67 -1.00 27.53
N ASN B 255 -9.98 -0.80 27.70
CA ASN B 255 -10.46 0.43 28.31
C ASN B 255 -10.04 0.51 29.78
N SER B 256 -10.11 -0.61 30.49
CA SER B 256 -9.72 -0.63 31.90
C SER B 256 -8.25 -0.27 32.07
N VAL B 257 -7.38 -0.83 31.21
CA VAL B 257 -5.95 -0.55 31.31
C VAL B 257 -5.66 0.90 30.95
N ASN B 258 -6.43 1.47 30.02
CA ASN B 258 -6.17 2.85 29.60
C ASN B 258 -6.37 3.84 30.73
N GLY B 259 -7.38 3.60 31.57
CA GLY B 259 -7.57 4.43 32.75
C GLY B 259 -6.53 4.19 33.82
N ILE B 260 -5.91 3.00 33.80
CA ILE B 260 -4.89 2.66 34.78
C ILE B 260 -3.55 3.31 34.45
N PHE B 261 -3.27 3.56 33.17
CA PHE B 261 -1.94 4.02 32.76
C PHE B 261 -1.44 5.25 33.51
N PRO B 262 -2.19 6.35 33.62
CA PRO B 262 -1.61 7.55 34.25
C PRO B 262 -1.29 7.37 35.73
N GLN B 263 -1.99 6.46 36.41
CA GLN B 263 -1.84 6.34 37.86
C GLN B 263 -0.53 5.66 38.26
N LEU B 264 -0.01 4.76 37.44
CA LEU B 264 1.19 4.02 37.79
C LEU B 264 2.33 4.32 36.82
N GLN B 265 3.52 3.82 37.17
CA GLN B 265 4.71 3.96 36.36
C GLN B 265 5.27 2.58 36.05
N LEU B 266 5.62 2.35 34.79
CA LEU B 266 6.16 1.06 34.36
C LEU B 266 7.58 1.25 33.83
N SER B 267 8.50 0.46 34.36
CA SER B 267 9.89 0.47 33.92
C SER B 267 10.36 -0.97 33.76
N PRO B 268 10.44 -1.47 32.53
CA PRO B 268 10.92 -2.83 32.31
C PRO B 268 12.40 -2.93 32.62
N PRO B 269 12.89 -4.13 32.91
CA PRO B 269 14.34 -4.32 33.10
C PRO B 269 15.12 -3.83 31.89
N LYS B 270 16.20 -3.09 32.15
CA LYS B 270 17.02 -2.59 31.07
C LYS B 270 17.61 -3.76 30.29
N GLY B 271 17.47 -3.71 28.97
CA GLY B 271 17.92 -4.79 28.11
C GLY B 271 16.87 -5.83 27.80
N ALA B 272 15.67 -5.71 28.37
CA ALA B 272 14.60 -6.65 28.04
C ALA B 272 14.16 -6.50 26.60
N PHE B 273 14.16 -5.27 26.09
CA PHE B 273 13.84 -4.99 24.70
C PHE B 273 14.99 -4.19 24.11
N SER B 274 15.55 -4.67 23.01
CA SER B 274 16.72 -4.04 22.42
C SER B 274 16.85 -4.47 20.97
N THR B 275 17.87 -3.95 20.31
CA THR B 275 18.23 -4.36 18.96
C THR B 275 19.24 -5.52 18.96
N TYR B 276 19.29 -6.28 20.05
CA TYR B 276 20.28 -7.36 20.19
C TYR B 276 20.09 -8.41 19.10
N ILE B 277 18.84 -8.82 18.85
CA ILE B 277 18.58 -9.90 17.90
C ILE B 277 19.01 -9.51 16.49
N GLN B 278 19.03 -8.21 16.17
CA GLN B 278 19.51 -7.81 14.86
C GLN B 278 21.01 -7.97 14.73
N LYS B 279 21.74 -7.86 15.84
CA LYS B 279 23.19 -7.85 15.81
C LYS B 279 23.79 -9.26 15.80
N HIS B 280 23.15 -10.22 16.45
CA HIS B 280 23.73 -11.55 16.61
C HIS B 280 22.99 -12.64 15.85
N ARG B 281 21.69 -12.51 15.65
CA ARG B 281 20.97 -13.51 14.88
C ARG B 281 21.19 -13.28 13.38
N SER B 282 20.98 -14.33 12.60
CA SER B 282 21.07 -14.22 11.15
C SER B 282 20.14 -13.13 10.66
N ASN B 283 20.69 -12.17 9.93
CA ASN B 283 19.93 -11.01 9.49
C ASN B 283 20.49 -10.55 8.14
N GLN B 284 19.64 -10.59 7.11
CA GLN B 284 20.03 -10.15 5.77
C GLN B 284 19.67 -8.70 5.52
N PHE B 285 19.17 -7.99 6.52
CA PHE B 285 18.67 -6.63 6.36
C PHE B 285 19.52 -5.63 7.15
N PRO B 286 19.43 -4.35 6.81
CA PRO B 286 20.20 -3.34 7.54
C PRO B 286 19.68 -3.17 8.95
N PRO B 287 20.48 -2.63 9.87
CA PRO B 287 19.98 -2.36 11.22
C PRO B 287 18.88 -1.32 11.17
N ARG B 288 17.89 -1.48 12.03
CA ARG B 288 16.77 -0.57 12.10
C ARG B 288 16.52 -0.21 13.56
N LYS B 289 16.42 1.08 13.84
CA LYS B 289 16.15 1.54 15.20
C LYS B 289 14.74 1.18 15.61
N ILE B 290 14.52 1.17 16.93
CA ILE B 290 13.20 0.86 17.48
C ILE B 290 12.37 2.13 17.49
N THR B 291 11.17 2.06 16.91
CA THR B 291 10.30 3.22 16.80
C THR B 291 9.51 3.40 18.10
N LYS B 292 9.22 4.65 18.43
CA LYS B 292 8.39 4.98 19.59
C LYS B 292 7.09 4.19 19.57
N LEU B 293 6.81 3.51 20.68
CA LEU B 293 5.65 2.66 20.89
C LEU B 293 4.42 3.48 21.24
N PRO B 294 3.22 2.92 21.01
CA PRO B 294 2.00 3.60 21.43
C PRO B 294 1.97 3.79 22.93
N THR B 295 1.31 4.87 23.37
CA THR B 295 1.21 5.16 24.80
C THR B 295 0.11 4.35 25.50
N ASP B 296 -0.98 4.03 24.80
CA ASP B 296 -2.10 3.35 25.43
C ASP B 296 -2.51 2.07 24.70
N TYR B 297 -3.64 1.49 25.09
CA TYR B 297 -4.14 0.26 24.48
C TYR B 297 -5.31 0.51 23.54
N SER B 298 -5.47 1.76 23.07
CA SER B 298 -6.58 2.06 22.17
C SER B 298 -6.48 1.29 20.86
N GLY B 299 -5.26 0.88 20.48
CA GLY B 299 -5.10 0.09 19.27
C GLY B 299 -5.82 -1.25 19.32
N PHE B 300 -5.92 -1.84 20.51
CA PHE B 300 -6.69 -3.07 20.63
C PHE B 300 -8.18 -2.82 20.42
N ILE B 301 -8.65 -1.63 20.79
CA ILE B 301 -10.07 -1.30 20.60
C ILE B 301 -10.38 -1.20 19.12
N THR B 302 -9.49 -0.57 18.36
CA THR B 302 -9.66 -0.47 16.91
C THR B 302 -9.64 -1.84 16.26
N LEU B 303 -8.71 -2.70 16.70
CA LEU B 303 -8.64 -4.05 16.16
C LEU B 303 -9.92 -4.83 16.42
N ALA B 304 -10.45 -4.73 17.65
CA ALA B 304 -11.63 -5.50 18.00
C ALA B 304 -12.86 -4.99 17.23
N ASN B 305 -12.97 -3.67 17.06
CA ASN B 305 -14.14 -3.14 16.35
C ASN B 305 -14.07 -3.42 14.86
N ASP B 306 -12.87 -3.37 14.28
CA ASP B 306 -12.74 -3.67 12.86
C ASP B 306 -13.09 -5.12 12.58
N VAL B 307 -12.65 -6.04 13.44
CA VAL B 307 -12.97 -7.46 13.27
C VAL B 307 -14.47 -7.69 13.46
N LYS B 308 -15.07 -6.99 14.42
CA LYS B 308 -16.51 -7.14 14.65
C LYS B 308 -17.30 -6.74 13.40
N THR B 309 -16.85 -5.70 12.70
CA THR B 309 -17.51 -5.30 11.46
C THR B 309 -17.41 -6.39 10.41
N ILE B 310 -16.27 -7.10 10.37
CA ILE B 310 -16.07 -8.17 9.41
C ILE B 310 -17.12 -9.26 9.60
N LEU B 311 -17.39 -9.63 10.85
CA LEU B 311 -18.29 -10.74 11.15
C LEU B 311 -19.73 -10.45 10.76
N LEU B 312 -20.07 -9.18 10.51
CA LEU B 312 -21.46 -8.82 10.23
C LEU B 312 -21.93 -9.35 8.87
N VAL B 313 -21.01 -9.53 7.91
CA VAL B 313 -21.41 -9.94 6.57
C VAL B 313 -22.04 -11.32 6.58
N ASP B 314 -21.81 -12.11 7.64
CA ASP B 314 -22.43 -13.43 7.72
C ASP B 314 -23.95 -13.33 7.84
N LYS B 315 -24.44 -12.19 8.31
CA LYS B 315 -25.87 -11.95 8.45
C LYS B 315 -26.54 -11.57 7.14
N ALA B 316 -25.78 -11.39 6.06
CA ALA B 316 -26.35 -10.94 4.81
C ALA B 316 -27.36 -11.96 4.27
N GLU B 317 -28.44 -11.45 3.69
CA GLU B 317 -29.49 -12.28 3.13
C GLU B 317 -29.71 -12.04 1.63
N SER B 318 -28.85 -11.25 0.99
CA SER B 318 -29.02 -10.99 -0.44
C SER B 318 -27.67 -10.62 -1.04
N ALA B 319 -27.62 -10.62 -2.37
CA ALA B 319 -26.40 -10.20 -3.05
C ALA B 319 -26.15 -8.72 -2.84
N LEU B 320 -27.22 -7.91 -2.81
CA LEU B 320 -27.06 -6.48 -2.59
C LEU B 320 -26.53 -6.19 -1.20
N GLU B 321 -26.92 -6.99 -0.20
CA GLU B 321 -26.42 -6.75 1.15
C GLU B 321 -24.93 -7.05 1.27
N THR B 322 -24.43 -8.07 0.56
CA THR B 322 -22.99 -8.32 0.54
C THR B 322 -22.28 -7.27 -0.28
N TYR B 323 -22.88 -6.87 -1.41
CA TYR B 323 -22.29 -5.86 -2.28
C TYR B 323 -22.09 -4.55 -1.55
N GLN B 324 -23.14 -4.05 -0.88
CA GLN B 324 -23.02 -2.80 -0.15
C GLN B 324 -22.10 -2.95 1.06
N PHE B 325 -22.03 -4.15 1.66
CA PHE B 325 -21.06 -4.35 2.73
C PHE B 325 -19.65 -4.12 2.23
N ALA B 326 -19.33 -4.70 1.06
CA ALA B 326 -18.02 -4.52 0.46
C ALA B 326 -17.77 -3.08 0.03
N LYS B 327 -18.83 -2.35 -0.28
CA LYS B 327 -18.68 -0.97 -0.78
C LYS B 327 -18.37 0.00 0.35
N PHE B 328 -18.90 -0.25 1.55
CA PHE B 328 -18.83 0.72 2.63
C PHE B 328 -17.96 0.32 3.83
N PHE B 329 -17.67 -0.97 4.03
CA PHE B 329 -17.02 -1.39 5.29
C PHE B 329 -15.59 -0.87 5.42
N ASN B 330 -14.89 -0.66 4.31
CA ASN B 330 -13.51 -0.17 4.30
C ASN B 330 -13.40 1.16 3.59
N LYS B 331 -14.53 1.82 3.30
CA LYS B 331 -14.54 3.03 2.50
C LYS B 331 -14.24 4.27 3.32
N LEU B 332 -14.83 4.40 4.51
CA LEU B 332 -14.69 5.64 5.27
C LEU B 332 -13.26 5.83 5.75
N GLU B 333 -12.61 4.76 6.20
CA GLU B 333 -11.22 4.81 6.62
C GLU B 333 -10.68 3.39 6.55
N GLN B 334 -9.35 3.30 6.42
CA GLN B 334 -8.72 2.00 6.24
C GLN B 334 -8.84 1.16 7.50
N ARG B 335 -9.34 -0.07 7.34
CA ARG B 335 -9.51 -0.97 8.46
C ARG B 335 -8.19 -1.60 8.87
N HIS B 336 -8.16 -2.11 10.09
CA HIS B 336 -7.00 -2.82 10.60
C HIS B 336 -6.64 -3.98 9.68
N VAL B 337 -5.34 -4.20 9.50
CA VAL B 337 -4.87 -5.16 8.50
C VAL B 337 -5.36 -6.57 8.82
N ILE B 338 -5.50 -6.90 10.10
CA ILE B 338 -6.02 -8.22 10.47
C ILE B 338 -7.45 -8.37 9.97
N ALA B 339 -8.28 -7.36 10.24
CA ALA B 339 -9.65 -7.38 9.74
C ALA B 339 -9.70 -7.40 8.22
N ARG B 340 -8.75 -6.72 7.57
CA ARG B 340 -8.73 -6.68 6.11
C ARG B 340 -8.35 -8.04 5.53
N ILE B 341 -7.38 -8.72 6.15
CA ILE B 341 -7.06 -10.08 5.73
C ILE B 341 -8.22 -11.00 6.07
N LEU B 342 -8.87 -10.77 7.20
CA LEU B 342 -9.88 -11.70 7.68
C LEU B 342 -11.09 -11.72 6.76
N PHE B 343 -11.47 -10.56 6.19
CA PHE B 343 -12.72 -10.47 5.46
C PHE B 343 -12.80 -11.42 4.26
N PRO B 344 -11.83 -11.42 3.33
CA PRO B 344 -11.95 -12.37 2.20
C PRO B 344 -11.83 -13.82 2.60
N LEU B 345 -11.01 -14.12 3.60
CA LEU B 345 -10.93 -15.49 4.10
C LEU B 345 -12.23 -15.89 4.80
N PHE B 346 -12.88 -14.94 5.47
CA PHE B 346 -14.17 -15.22 6.09
C PHE B 346 -15.28 -15.27 5.06
N PHE B 347 -15.15 -14.46 4.00
CA PHE B 347 -16.16 -14.37 2.95
C PHE B 347 -16.08 -15.54 1.98
N ILE B 348 -14.88 -15.91 1.56
CA ILE B 348 -14.64 -17.00 0.63
C ILE B 348 -13.96 -18.11 1.42
N ARG B 349 -14.67 -19.20 1.66
CA ARG B 349 -14.34 -20.15 2.71
C ARG B 349 -13.65 -21.41 2.17
N ASP B 350 -13.39 -22.37 3.08
CA ASP B 350 -12.59 -23.54 2.75
CA ASP B 350 -12.58 -23.54 2.75
C ASP B 350 -13.33 -24.52 1.84
N ASP B 351 -14.64 -24.61 1.94
CA ASP B 351 -15.41 -25.56 1.14
C ASP B 351 -15.77 -25.01 -0.24
N ARG B 352 -15.04 -24.01 -0.73
CA ARG B 352 -15.31 -23.35 -2.00
C ARG B 352 -16.74 -22.83 -2.07
N THR B 353 -17.19 -22.23 -0.97
CA THR B 353 -18.50 -21.59 -0.89
C THR B 353 -18.32 -20.16 -0.43
N VAL B 354 -19.31 -19.33 -0.70
CA VAL B 354 -19.35 -17.96 -0.22
C VAL B 354 -20.20 -17.96 1.04
N LEU B 355 -19.58 -17.61 2.17
CA LEU B 355 -20.26 -17.52 3.47
C LEU B 355 -20.89 -18.83 3.90
N GLY B 356 -20.48 -19.95 3.28
CA GLY B 356 -21.08 -21.24 3.56
C GLY B 356 -22.53 -21.37 3.16
N LYS B 357 -23.01 -20.49 2.29
CA LYS B 357 -24.39 -20.50 1.84
C LYS B 357 -24.55 -20.93 0.39
N PHE B 358 -23.78 -20.34 -0.52
CA PHE B 358 -23.90 -20.60 -1.95
C PHE B 358 -22.54 -20.88 -2.57
N SER B 359 -22.56 -21.50 -3.74
CA SER B 359 -21.34 -21.72 -4.51
C SER B 359 -20.96 -20.44 -5.25
N TYR B 360 -19.81 -20.49 -5.93
CA TYR B 360 -19.33 -19.29 -6.60
C TYR B 360 -20.25 -18.87 -7.73
N THR B 361 -20.79 -19.85 -8.48
CA THR B 361 -21.70 -19.52 -9.57
C THR B 361 -23.09 -19.16 -9.07
N GLN B 362 -23.55 -19.81 -7.99
CA GLN B 362 -24.82 -19.40 -7.38
C GLN B 362 -24.74 -17.96 -6.87
N PHE B 363 -23.62 -17.60 -6.24
CA PHE B 363 -23.44 -16.24 -5.74
C PHE B 363 -23.45 -15.22 -6.87
N TYR B 364 -22.79 -15.56 -7.99
CA TYR B 364 -22.77 -14.65 -9.13
C TYR B 364 -24.14 -14.50 -9.75
N LEU B 365 -24.87 -15.60 -9.93
CA LEU B 365 -26.19 -15.51 -10.52
C LEU B 365 -27.16 -14.75 -9.63
N LEU B 366 -26.89 -14.69 -8.32
CA LEU B 366 -27.71 -13.85 -7.44
C LEU B 366 -27.57 -12.37 -7.79
N HIS B 367 -26.33 -11.92 -8.04
CA HIS B 367 -26.12 -10.53 -8.41
C HIS B 367 -26.83 -10.19 -9.71
N VAL B 368 -26.77 -11.10 -10.69
CA VAL B 368 -27.42 -10.86 -11.97
C VAL B 368 -28.93 -10.83 -11.80
N LYS B 369 -29.47 -11.70 -10.95
CA LYS B 369 -30.92 -11.76 -10.75
C LYS B 369 -31.44 -10.50 -10.06
N GLU B 370 -30.73 -10.01 -9.04
CA GLU B 370 -31.20 -8.82 -8.34
C GLU B 370 -31.07 -7.57 -9.21
N PHE B 371 -30.08 -7.53 -10.09
CA PHE B 371 -29.91 -6.38 -10.98
C PHE B 371 -30.85 -6.41 -12.18
N SER B 372 -31.17 -7.60 -12.70
CA SER B 372 -31.95 -7.71 -13.92
C SER B 372 -33.35 -8.26 -13.74
N ALA B 373 -33.64 -8.89 -12.58
CA ALA B 373 -34.94 -9.47 -12.28
C ALA B 373 -35.33 -10.55 -13.29
N GLN B 374 -34.40 -11.44 -13.61
CA GLN B 374 -34.62 -12.51 -14.58
C GLN B 374 -33.95 -13.80 -14.12
N THR B 375 -34.72 -14.90 -14.14
CA THR B 375 -34.14 -16.21 -13.93
C THR B 375 -33.77 -16.78 -15.30
N PRO B 376 -32.50 -17.09 -15.55
CA PRO B 376 -32.06 -17.46 -16.92
C PRO B 376 -32.25 -18.93 -17.27
N SER B 377 -33.51 -19.34 -17.38
CA SER B 377 -33.89 -20.70 -17.77
C SER B 377 -33.16 -21.77 -16.95
N SER B 382 -26.16 -23.34 -19.89
CA SER B 382 -25.98 -24.65 -19.27
C SER B 382 -25.40 -24.51 -17.88
N ILE B 383 -24.99 -25.65 -17.30
CA ILE B 383 -24.38 -25.69 -15.99
C ILE B 383 -22.89 -25.98 -16.17
N GLY B 384 -22.05 -25.28 -15.41
CA GLY B 384 -20.63 -25.37 -15.64
C GLY B 384 -20.15 -24.53 -16.80
N ASN B 385 -20.91 -23.51 -17.16
CA ASN B 385 -20.55 -22.64 -18.27
C ASN B 385 -19.24 -21.92 -17.99
N GLU B 386 -18.37 -21.87 -18.99
CA GLU B 386 -17.06 -21.24 -18.82
C GLU B 386 -17.19 -19.74 -18.60
N LEU B 387 -18.10 -19.08 -19.33
CA LEU B 387 -18.27 -17.64 -19.17
C LEU B 387 -18.81 -17.30 -17.78
N ILE B 388 -19.74 -18.11 -17.28
CA ILE B 388 -20.27 -17.88 -15.94
C ILE B 388 -19.20 -18.18 -14.90
N GLN B 389 -18.43 -19.26 -15.10
CA GLN B 389 -17.35 -19.58 -14.18
C GLN B 389 -16.32 -18.46 -14.13
N GLU B 390 -15.92 -17.94 -15.29
CA GLU B 390 -14.96 -16.84 -15.33
C GLU B 390 -15.52 -15.59 -14.65
N SER B 391 -16.80 -15.29 -14.91
CA SER B 391 -17.41 -14.09 -14.32
C SER B 391 -17.52 -14.22 -12.81
N SER B 392 -17.81 -15.44 -12.32
CA SER B 392 -17.89 -15.64 -10.87
C SER B 392 -16.55 -15.42 -10.20
N ASN B 393 -15.47 -15.91 -10.81
CA ASN B 393 -14.14 -15.63 -10.26
C ASN B 393 -13.84 -14.15 -10.32
N MET B 394 -14.23 -13.49 -11.41
CA MET B 394 -14.00 -12.05 -11.52
C MET B 394 -14.73 -11.29 -10.43
N LEU B 395 -15.97 -11.68 -10.13
CA LEU B 395 -16.74 -11.02 -9.08
C LEU B 395 -16.08 -11.22 -7.72
N LEU B 396 -15.57 -12.42 -7.44
CA LEU B 396 -14.92 -12.67 -6.16
C LEU B 396 -13.66 -11.81 -6.02
N GLU B 397 -12.90 -11.67 -7.10
CA GLU B 397 -11.74 -10.78 -7.07
C GLU B 397 -12.16 -9.35 -6.79
N TRP B 398 -13.32 -8.94 -7.29
CA TRP B 398 -13.83 -7.60 -7.01
C TRP B 398 -14.09 -7.41 -5.52
N TYR B 399 -14.67 -8.42 -4.86
CA TYR B 399 -14.91 -8.32 -3.42
C TYR B 399 -13.60 -8.24 -2.65
N GLN B 400 -12.61 -9.06 -3.02
CA GLN B 400 -11.33 -9.07 -2.32
C GLN B 400 -10.59 -7.75 -2.48
N ASN B 401 -10.75 -7.07 -3.63
CA ASN B 401 -10.08 -5.79 -3.84
C ASN B 401 -10.58 -4.73 -2.87
N CYS B 402 -11.85 -4.82 -2.46
CA CYS B 402 -12.41 -3.85 -1.52
C CYS B 402 -11.68 -3.86 -0.19
N SER B 403 -11.01 -4.96 0.14
CA SER B 403 -10.31 -5.12 1.40
C SER B 403 -8.86 -4.65 1.35
N GLN B 404 -8.41 -4.13 0.20
CA GLN B 404 -7.04 -3.68 0.07
C GLN B 404 -6.85 -2.29 0.67
N ASN B 405 -5.59 -1.88 0.82
CA ASN B 405 -5.33 -0.56 1.38
C ASN B 405 -5.73 0.52 0.36
N THR B 406 -5.73 1.77 0.82
CA THR B 406 -6.30 2.86 0.05
C THR B 406 -5.58 3.07 -1.28
N CYS B 407 -4.31 2.67 -1.38
CA CYS B 407 -3.60 2.80 -2.64
C CYS B 407 -3.84 1.59 -3.55
N ARG B 408 -3.68 0.38 -3.00
CA ARG B 408 -3.91 -0.84 -3.78
C ARG B 408 -5.35 -0.92 -4.27
N TYR B 409 -6.29 -0.37 -3.50
CA TYR B 409 -7.69 -0.38 -3.90
C TYR B 409 -7.87 0.23 -5.29
N ARG B 410 -7.28 1.39 -5.52
CA ARG B 410 -7.37 2.00 -6.84
C ARG B 410 -6.61 1.17 -7.87
N GLN B 411 -5.41 0.69 -7.51
CA GLN B 411 -4.62 -0.09 -8.45
C GLN B 411 -5.33 -1.37 -8.87
N GLY B 412 -6.14 -1.95 -7.99
CA GLY B 412 -6.83 -3.18 -8.32
C GLY B 412 -7.78 -3.03 -9.50
N PHE B 413 -8.30 -1.83 -9.72
CA PHE B 413 -9.24 -1.59 -10.81
C PHE B 413 -8.56 -1.57 -12.17
N ASN B 414 -7.26 -1.27 -12.24
CA ASN B 414 -6.54 -1.35 -13.50
C ASN B 414 -6.75 -2.71 -14.16
N ARG B 415 -6.50 -3.78 -13.40
CA ARG B 415 -6.68 -5.13 -13.93
C ARG B 415 -8.13 -5.40 -14.29
N GLN B 416 -9.06 -4.94 -13.45
CA GLN B 416 -10.47 -5.24 -13.64
C GLN B 416 -11.01 -4.63 -14.92
N LEU B 417 -10.66 -3.37 -15.21
CA LEU B 417 -11.32 -2.65 -16.30
C LEU B 417 -11.14 -3.38 -17.62
N ILE B 418 -9.95 -3.92 -17.87
CA ILE B 418 -9.70 -4.60 -19.14
C ILE B 418 -10.29 -6.00 -19.14
N LEU B 419 -10.43 -6.63 -17.97
CA LEU B 419 -11.01 -7.98 -17.93
C LEU B 419 -12.53 -7.93 -18.01
N TRP B 420 -13.18 -6.96 -17.34
CA TRP B 420 -14.61 -6.79 -17.52
C TRP B 420 -14.93 -6.48 -18.98
N ASP B 421 -14.10 -5.65 -19.61
CA ASP B 421 -14.32 -5.31 -21.02
C ASP B 421 -14.26 -6.56 -21.89
N SER B 422 -13.20 -7.34 -21.75
CA SER B 422 -13.06 -8.57 -22.52
C SER B 422 -14.21 -9.52 -22.25
N LEU B 423 -14.61 -9.63 -20.98
CA LEU B 423 -15.74 -10.48 -20.61
C LEU B 423 -17.02 -10.01 -21.29
N GLN B 424 -17.28 -8.69 -21.28
CA GLN B 424 -18.49 -8.16 -21.91
C GLN B 424 -18.50 -8.42 -23.41
N ALA B 425 -17.35 -8.26 -24.06
CA ALA B 425 -17.27 -8.52 -25.49
C ALA B 425 -17.49 -10.00 -25.80
N GLN B 426 -17.08 -10.88 -24.89
CA GLN B 426 -17.30 -12.31 -25.11
C GLN B 426 -18.76 -12.67 -24.92
N PHE B 427 -19.44 -12.06 -23.95
CA PHE B 427 -20.88 -12.25 -23.82
C PHE B 427 -21.61 -11.71 -25.04
N GLU B 428 -21.16 -10.56 -25.56
CA GLU B 428 -21.83 -9.97 -26.72
C GLU B 428 -21.69 -10.84 -27.96
N SER B 429 -20.54 -11.49 -28.14
CA SER B 429 -20.33 -12.27 -29.34
C SER B 429 -21.24 -13.50 -29.37
N VAL B 430 -21.65 -13.99 -28.19
CA VAL B 430 -22.59 -15.10 -28.11
C VAL B 430 -24.01 -14.62 -27.83
N ASN B 431 -24.25 -13.32 -27.88
CA ASN B 431 -25.57 -12.72 -27.75
C ASN B 431 -26.25 -13.08 -26.43
N SER B 432 -25.47 -13.11 -25.35
CA SER B 432 -26.01 -13.33 -24.00
C SER B 432 -26.17 -11.96 -23.36
N GLN B 433 -27.29 -11.30 -23.67
CA GLN B 433 -27.43 -9.87 -23.39
C GLN B 433 -27.71 -9.56 -21.91
N VAL B 434 -28.30 -10.49 -21.16
CA VAL B 434 -28.52 -10.23 -19.73
C VAL B 434 -27.20 -10.20 -18.98
N TYR B 435 -26.36 -11.21 -19.17
CA TYR B 435 -25.05 -11.21 -18.53
C TYR B 435 -24.17 -10.10 -19.09
N CYS B 436 -24.25 -9.87 -20.41
CA CYS B 436 -23.54 -8.74 -21.01
C CYS B 436 -23.93 -7.42 -20.35
N SER B 437 -25.21 -7.28 -19.99
CA SER B 437 -25.69 -6.05 -19.38
C SER B 437 -25.15 -5.88 -17.96
N TRP B 438 -25.22 -6.93 -17.15
CA TRP B 438 -24.70 -6.83 -15.78
C TRP B 438 -23.19 -6.63 -15.78
N THR B 439 -22.49 -7.27 -16.72
CA THR B 439 -21.06 -7.04 -16.86
C THR B 439 -20.78 -5.59 -17.18
N TYR B 440 -21.60 -4.98 -18.03
CA TYR B 440 -21.42 -3.57 -18.40
C TYR B 440 -21.60 -2.67 -17.20
N PHE B 441 -22.63 -2.93 -16.38
CA PHE B 441 -22.84 -2.12 -15.18
C PHE B 441 -21.63 -2.16 -14.27
N MET B 442 -21.06 -3.34 -14.06
CA MET B 442 -19.89 -3.47 -13.19
C MET B 442 -18.68 -2.76 -13.77
N LYS B 443 -18.44 -2.91 -15.08
CA LYS B 443 -17.29 -2.26 -15.70
C LYS B 443 -17.40 -0.73 -15.62
N LEU B 444 -18.55 -0.18 -16.02
CA LEU B 444 -18.70 1.28 -16.05
C LEU B 444 -18.67 1.86 -14.63
N SER B 445 -19.24 1.14 -13.66
CA SER B 445 -19.14 1.56 -12.27
C SER B 445 -17.70 1.55 -11.80
N SER B 446 -16.94 0.53 -12.21
CA SER B 446 -15.54 0.44 -11.82
C SER B 446 -14.71 1.54 -12.49
N MET B 447 -14.99 1.83 -13.76
CA MET B 447 -14.32 2.95 -14.43
C MET B 447 -14.53 4.24 -13.65
N ILE B 448 -15.77 4.48 -13.21
CA ILE B 448 -16.08 5.70 -12.47
C ILE B 448 -15.38 5.69 -11.12
N GLU B 449 -15.50 4.59 -10.39
CA GLU B 449 -14.86 4.48 -9.07
C GLU B 449 -13.34 4.61 -9.19
N PHE B 450 -12.75 3.98 -10.19
CA PHE B 450 -11.30 4.10 -10.39
C PHE B 450 -10.90 5.54 -10.66
N SER B 451 -11.73 6.29 -11.40
CA SER B 451 -11.37 7.65 -11.75
C SER B 451 -11.49 8.60 -10.56
N LEU B 452 -12.61 8.53 -9.83
CA LEU B 452 -12.83 9.45 -8.71
C LEU B 452 -11.86 9.17 -7.56
N LYS B 453 -11.49 7.90 -7.37
CA LYS B 453 -10.54 7.52 -6.32
C LYS B 453 -9.19 8.21 -6.48
N GLY B 454 -8.82 8.58 -7.71
CA GLY B 454 -7.58 9.30 -7.92
C GLY B 454 -7.54 10.64 -7.21
N PHE B 455 -8.69 11.31 -7.06
CA PHE B 455 -8.73 12.58 -6.34
C PHE B 455 -8.46 12.37 -4.87
N ASP B 456 -8.98 11.27 -4.30
CA ASP B 456 -8.74 10.97 -2.90
C ASP B 456 -7.26 10.73 -2.62
N LEU B 457 -6.53 10.17 -3.59
CA LEU B 457 -5.11 9.90 -3.42
C LEU B 457 -4.24 11.05 -3.92
N ASP B 458 -4.86 12.17 -4.30
N ASP B 458 -4.84 12.18 -4.30
CA ASP B 458 -4.15 13.35 -4.82
CA ASP B 458 -4.11 13.34 -4.80
C ASP B 458 -3.28 12.99 -6.03
C ASP B 458 -3.27 12.99 -6.04
N ILE B 459 -3.82 12.14 -6.90
CA ILE B 459 -3.08 11.71 -8.08
C ILE B 459 -3.11 12.78 -9.15
N TYR B 460 -4.25 13.46 -9.29
CA TYR B 460 -4.45 14.44 -10.33
C TYR B 460 -4.05 15.83 -9.84
N LYS B 461 -3.33 16.55 -10.68
CA LYS B 461 -2.97 17.92 -10.36
C LYS B 461 -4.15 18.85 -10.66
N PRO B 462 -4.16 20.05 -10.07
CA PRO B 462 -5.30 20.96 -10.29
C PRO B 462 -5.60 21.25 -11.75
N PHE B 463 -4.60 21.32 -12.63
CA PHE B 463 -4.91 21.59 -14.03
C PHE B 463 -5.58 20.41 -14.73
N GLU B 464 -5.46 19.21 -14.17
CA GLU B 464 -6.10 18.02 -14.71
C GLU B 464 -7.51 17.82 -14.19
N ALA B 465 -8.01 18.72 -13.34
CA ALA B 465 -9.28 18.47 -12.68
C ALA B 465 -10.46 18.51 -13.66
N TYR B 466 -10.37 19.35 -14.69
CA TYR B 466 -11.44 19.38 -15.68
C TYR B 466 -11.48 18.09 -16.49
N SER B 467 -10.33 17.61 -16.94
CA SER B 467 -10.29 16.39 -17.73
C SER B 467 -10.91 15.22 -16.98
N MET B 468 -10.54 15.04 -15.70
CA MET B 468 -11.03 13.89 -14.96
C MET B 468 -12.50 14.07 -14.57
N PHE B 469 -12.88 15.24 -14.10
CA PHE B 469 -14.26 15.44 -13.66
C PHE B 469 -15.22 15.40 -14.84
N TRP B 470 -14.86 15.99 -15.98
CA TRP B 470 -15.75 15.92 -17.13
C TRP B 470 -15.82 14.52 -17.70
N TYR B 471 -14.72 13.76 -17.62
CA TYR B 471 -14.76 12.38 -18.09
C TYR B 471 -15.69 11.55 -17.23
N VAL B 472 -15.66 11.74 -15.92
CA VAL B 472 -16.56 10.99 -15.05
C VAL B 472 -17.99 11.44 -15.27
N TYR B 473 -18.20 12.73 -15.54
CA TYR B 473 -19.52 13.21 -15.92
C TYR B 473 -19.99 12.50 -17.18
N TYR B 474 -19.12 12.42 -18.19
CA TYR B 474 -19.43 11.69 -19.41
C TYR B 474 -19.75 10.22 -19.12
N LEU B 475 -18.93 9.57 -18.30
CA LEU B 475 -19.21 8.18 -17.94
C LEU B 475 -20.50 8.05 -17.15
N SER B 476 -20.76 9.01 -16.24
CA SER B 476 -21.98 8.95 -15.44
C SER B 476 -23.22 9.14 -16.29
N HIS B 477 -23.10 9.92 -17.36
CA HIS B 477 -24.23 10.11 -18.26
C HIS B 477 -24.57 8.81 -18.99
N HIS B 478 -23.56 8.07 -19.43
CA HIS B 478 -23.83 6.79 -20.10
C HIS B 478 -24.36 5.75 -19.11
N LEU B 479 -23.85 5.76 -17.88
CA LEU B 479 -24.36 4.82 -16.88
C LEU B 479 -25.80 5.15 -16.52
N GLU B 480 -26.14 6.45 -16.48
CA GLU B 480 -27.51 6.84 -16.18
C GLU B 480 -28.45 6.50 -17.33
N THR B 481 -27.99 6.68 -18.58
CA THR B 481 -28.81 6.27 -19.72
C THR B 481 -29.06 4.78 -19.71
N PHE B 482 -28.01 3.99 -19.44
CA PHE B 482 -28.15 2.54 -19.38
C PHE B 482 -29.09 2.12 -18.25
N LEU B 483 -28.92 2.69 -17.06
CA LEU B 483 -29.81 2.34 -15.96
C LEU B 483 -31.25 2.79 -16.23
N LYS B 484 -31.43 3.91 -16.94
CA LYS B 484 -32.78 4.35 -17.29
C LYS B 484 -33.46 3.34 -18.21
N ASP B 485 -32.75 2.88 -19.24
CA ASP B 485 -33.30 1.85 -20.12
C ASP B 485 -33.59 0.57 -19.36
N SER B 486 -32.70 0.20 -18.43
CA SER B 486 -32.93 -1.01 -17.63
C SER B 486 -34.23 -0.91 -16.84
N GLN B 487 -34.46 0.25 -16.20
CA GLN B 487 -35.68 0.42 -15.42
C GLN B 487 -36.91 0.48 -16.30
N ASN B 488 -36.79 1.01 -17.52
CA ASN B 488 -37.93 1.01 -18.43
C ASN B 488 -38.30 -0.41 -18.84
N ASP B 489 -37.29 -1.25 -19.09
CA ASP B 489 -37.57 -2.65 -19.41
C ASP B 489 -38.24 -3.35 -18.25
N ILE B 490 -37.81 -3.05 -17.02
CA ILE B 490 -38.44 -3.62 -15.84
C ILE B 490 -39.89 -3.17 -15.74
N GLU B 491 -40.14 -1.90 -16.05
CA GLU B 491 -41.50 -1.38 -15.98
C GLU B 491 -42.41 -2.06 -16.99
N SER B 492 -41.90 -2.32 -18.20
CA SER B 492 -42.71 -3.02 -19.21
C SER B 492 -43.14 -4.38 -18.71
N ASN B 493 -42.22 -5.12 -18.08
CA ASN B 493 -42.55 -6.43 -17.55
C ASN B 493 -43.58 -6.32 -16.44
N ILE B 494 -43.44 -5.32 -15.56
CA ILE B 494 -44.42 -5.12 -14.50
C ILE B 494 -45.79 -4.83 -15.09
N ASN B 495 -45.85 -3.92 -16.07
CA ASN B 495 -47.13 -3.54 -16.66
C ASN B 495 -47.75 -4.70 -17.45
N ALA B 496 -46.92 -5.57 -18.01
CA ALA B 496 -47.46 -6.74 -18.71
C ALA B 496 -48.24 -7.63 -17.75
N ILE B 497 -47.71 -7.84 -16.54
CA ILE B 497 -48.45 -8.58 -15.53
C ILE B 497 -49.71 -7.83 -15.13
N HIS B 498 -49.60 -6.51 -14.99
CA HIS B 498 -50.76 -5.69 -14.64
C HIS B 498 -51.83 -5.75 -15.72
N SER B 499 -51.43 -5.72 -17.00
CA SER B 499 -52.41 -5.77 -18.08
C SER B 499 -53.13 -7.11 -18.12
N MET B 500 -52.48 -8.20 -17.69
CA MET B 500 -53.17 -9.47 -17.59
C MET B 500 -54.35 -9.38 -16.63
N ASN B 501 -54.15 -8.71 -15.50
CA ASN B 501 -55.23 -8.54 -14.53
C ASN B 501 -56.36 -7.69 -15.11
N LYS B 502 -56.01 -6.66 -15.88
CA LYS B 502 -57.04 -5.87 -16.56
C LYS B 502 -57.84 -6.73 -17.53
N LYS B 503 -57.14 -7.57 -18.31
CA LYS B 503 -57.81 -8.42 -19.29
C LYS B 503 -58.73 -9.42 -18.61
N LEU B 504 -58.32 -9.93 -17.45
CA LEU B 504 -59.14 -10.90 -16.72
C LEU B 504 -60.48 -10.30 -16.32
N LYS B 505 -60.49 -9.03 -15.89
CA LYS B 505 -61.72 -8.41 -15.43
C LYS B 505 -62.76 -8.32 -16.55
N LYS B 506 -62.30 -8.05 -17.78
CA LYS B 506 -63.19 -7.99 -18.92
C LYS B 506 -63.71 -9.36 -19.34
N LEU B 507 -63.03 -10.43 -18.93
CA LEU B 507 -63.44 -11.76 -19.35
C LEU B 507 -64.54 -12.32 -18.47
N LYS B 508 -65.25 -13.30 -19.01
CA LYS B 508 -66.22 -14.11 -18.27
C LYS B 508 -65.68 -15.53 -18.14
N ALA B 509 -66.34 -16.31 -17.28
CA ALA B 509 -65.91 -17.66 -16.99
C ALA B 509 -65.84 -18.50 -18.26
N GLY B 510 -64.66 -19.05 -18.53
CA GLY B 510 -64.42 -19.86 -19.70
C GLY B 510 -63.06 -20.50 -19.61
N GLU B 511 -62.76 -21.35 -20.59
CA GLU B 511 -61.46 -22.04 -20.58
C GLU B 511 -60.31 -21.06 -20.80
N LYS B 512 -60.54 -20.03 -21.62
CA LYS B 512 -59.49 -19.06 -21.90
C LYS B 512 -59.20 -18.19 -20.68
N LYS B 513 -60.23 -17.90 -19.88
CA LYS B 513 -60.00 -17.15 -18.65
C LYS B 513 -59.24 -18.00 -17.62
N ASP B 514 -59.49 -19.30 -17.61
CA ASP B 514 -58.72 -20.19 -16.73
C ASP B 514 -57.23 -20.12 -17.05
N GLN B 515 -56.88 -20.16 -18.34
CA GLN B 515 -55.49 -20.11 -18.74
C GLN B 515 -54.86 -18.75 -18.42
N LEU B 516 -55.63 -17.66 -18.59
CA LEU B 516 -55.07 -16.34 -18.31
C LEU B 516 -54.88 -16.13 -16.82
N ARG B 517 -55.79 -16.66 -16.00
CA ARG B 517 -55.58 -16.61 -14.55
C ARG B 517 -54.40 -17.46 -14.13
N LEU B 518 -54.20 -18.59 -14.81
CA LEU B 518 -53.05 -19.44 -14.49
C LEU B 518 -51.74 -18.72 -14.80
N LYS B 519 -51.65 -18.10 -15.97
CA LYS B 519 -50.46 -17.34 -16.32
C LYS B 519 -50.28 -16.15 -15.37
N TYR B 520 -51.38 -15.50 -15.00
CA TYR B 520 -51.30 -14.33 -14.13
C TYR B 520 -50.85 -14.70 -12.72
N ARG B 521 -51.38 -15.79 -12.17
CA ARG B 521 -50.99 -16.17 -10.81
C ARG B 521 -49.53 -16.61 -10.76
N PHE B 522 -49.06 -17.31 -11.80
CA PHE B 522 -47.65 -17.69 -11.85
C PHE B 522 -46.75 -16.46 -11.83
N ALA B 523 -47.09 -15.46 -12.64
CA ALA B 523 -46.28 -14.26 -12.71
C ALA B 523 -46.23 -13.54 -11.37
N MET B 524 -47.38 -13.41 -10.71
CA MET B 524 -47.40 -12.74 -9.41
C MET B 524 -46.62 -13.52 -8.36
N ASP B 525 -46.72 -14.86 -8.40
CA ASP B 525 -46.07 -15.70 -7.39
C ASP B 525 -44.57 -15.79 -7.62
N ASN B 526 -44.13 -15.76 -8.88
CA ASN B 526 -42.74 -16.05 -9.21
C ASN B 526 -41.98 -14.86 -9.79
N GLU B 527 -42.65 -13.79 -10.20
CA GLU B 527 -41.91 -12.76 -10.94
C GLU B 527 -42.14 -11.35 -10.39
N MET B 528 -43.36 -11.06 -9.93
CA MET B 528 -43.73 -9.70 -9.56
C MET B 528 -42.88 -9.15 -8.41
N GLU B 529 -42.66 -9.95 -7.37
CA GLU B 529 -41.95 -9.43 -6.20
CA GLU B 529 -41.96 -9.44 -6.20
C GLU B 529 -40.52 -9.03 -6.55
N GLN B 530 -39.80 -9.88 -7.28
CA GLN B 530 -38.44 -9.53 -7.72
C GLN B 530 -38.42 -8.33 -8.67
N LEU B 531 -39.42 -8.22 -9.55
CA LEU B 531 -39.48 -7.06 -10.43
C LEU B 531 -39.63 -5.77 -9.63
N GLN B 532 -40.47 -5.78 -8.60
CA GLN B 532 -40.64 -4.58 -7.78
C GLN B 532 -39.35 -4.23 -7.05
N ALA B 533 -38.65 -5.23 -6.52
CA ALA B 533 -37.42 -4.97 -5.79
C ALA B 533 -36.35 -4.40 -6.73
N THR B 534 -36.18 -5.01 -7.89
CA THR B 534 -35.19 -4.51 -8.85
C THR B 534 -35.55 -3.10 -9.30
N LYS B 535 -36.83 -2.82 -9.48
CA LYS B 535 -37.26 -1.47 -9.83
C LYS B 535 -36.87 -0.47 -8.75
N GLN B 536 -37.12 -0.81 -7.49
CA GLN B 536 -36.77 0.09 -6.39
C GLN B 536 -35.27 0.14 -6.17
N PHE B 537 -34.55 -0.94 -6.49
CA PHE B 537 -33.09 -0.91 -6.45
C PHE B 537 -32.54 0.00 -7.55
N LEU B 538 -33.01 -0.19 -8.79
CA LEU B 538 -32.57 0.68 -9.88
C LEU B 538 -32.96 2.13 -9.62
N ASN B 539 -34.04 2.35 -8.86
CA ASN B 539 -34.38 3.71 -8.47
C ASN B 539 -33.29 4.32 -7.60
N TYR B 540 -32.76 3.55 -6.66
CA TYR B 540 -31.66 4.03 -5.84
C TYR B 540 -30.41 4.28 -6.67
N LEU B 541 -30.11 3.38 -7.61
CA LEU B 541 -28.91 3.55 -8.43
C LEU B 541 -28.99 4.80 -9.30
N LEU B 542 -30.18 5.09 -9.82
CA LEU B 542 -30.35 6.30 -10.62
C LEU B 542 -30.14 7.56 -9.78
N LYS B 543 -30.62 7.56 -8.54
CA LYS B 543 -30.37 8.72 -7.67
C LYS B 543 -28.91 8.81 -7.27
N GLU B 544 -28.27 7.67 -7.00
CA GLU B 544 -26.85 7.66 -6.71
C GLU B 544 -26.05 8.22 -7.88
N ILE B 545 -26.35 7.77 -9.11
CA ILE B 545 -25.53 8.16 -10.25
C ILE B 545 -25.81 9.60 -10.67
N ASN B 546 -27.03 10.09 -10.44
CA ASN B 546 -27.30 11.49 -10.76
C ASN B 546 -26.60 12.42 -9.77
N ILE B 547 -26.42 11.97 -8.53
CA ILE B 547 -25.62 12.75 -7.57
C ILE B 547 -24.17 12.82 -8.04
N THR B 548 -23.62 11.69 -8.47
CA THR B 548 -22.27 11.67 -9.02
C THR B 548 -22.17 12.56 -10.24
N LYS B 549 -23.14 12.46 -11.13
CA LYS B 549 -23.13 13.28 -12.35
C LYS B 549 -23.22 14.77 -12.02
N SER B 550 -24.10 15.14 -11.09
CA SER B 550 -24.24 16.54 -10.73
C SER B 550 -22.98 17.09 -10.09
N LEU B 551 -22.34 16.31 -9.22
CA LEU B 551 -21.13 16.80 -8.54
C LEU B 551 -20.00 17.04 -9.54
N CYS B 552 -19.79 16.11 -10.47
CA CYS B 552 -18.76 16.30 -11.49
C CYS B 552 -19.03 17.54 -12.32
N LEU B 553 -20.28 17.73 -12.74
CA LEU B 553 -20.64 18.91 -13.52
C LEU B 553 -20.37 20.19 -12.74
N ILE B 554 -20.70 20.19 -11.45
CA ILE B 554 -20.42 21.35 -10.60
C ILE B 554 -18.92 21.64 -10.60
N GLU B 555 -18.11 20.59 -10.45
CA GLU B 555 -16.65 20.77 -10.49
C GLU B 555 -16.21 21.32 -11.83
N VAL B 556 -16.80 20.82 -12.93
CA VAL B 556 -16.43 21.30 -14.26
C VAL B 556 -16.73 22.78 -14.39
N PHE B 557 -17.94 23.19 -14.00
CA PHE B 557 -18.29 24.61 -14.01
C PHE B 557 -17.31 25.42 -13.16
N GLN B 558 -16.95 24.92 -11.99
CA GLN B 558 -16.00 25.64 -11.15
C GLN B 558 -14.67 25.84 -11.87
N PHE B 559 -14.18 24.80 -12.54
CA PHE B 559 -12.92 24.91 -13.28
C PHE B 559 -13.05 25.95 -14.39
N ALA B 560 -14.16 25.91 -15.14
CA ALA B 560 -14.36 26.83 -16.25
C ALA B 560 -14.40 28.28 -15.77
N ILE B 561 -14.98 28.51 -14.59
CA ILE B 561 -14.98 29.86 -14.04
C ILE B 561 -13.56 30.31 -13.74
N LEU B 562 -12.75 29.43 -13.15
CA LEU B 562 -11.37 29.79 -12.85
C LEU B 562 -10.59 30.07 -14.12
N LYS B 563 -10.78 29.25 -15.16
CA LYS B 563 -10.12 29.50 -16.44
C LYS B 563 -10.62 30.77 -17.10
N SER B 564 -11.91 31.09 -16.95
CA SER B 564 -12.46 32.31 -17.52
C SER B 564 -11.80 33.55 -16.94
N PHE B 565 -11.35 33.46 -15.69
CA PHE B 565 -10.61 34.55 -15.05
C PHE B 565 -9.11 34.46 -15.27
N GLY B 566 -8.65 33.47 -16.03
CA GLY B 566 -7.23 33.34 -16.32
C GLY B 566 -6.39 32.72 -15.23
N LEU B 567 -6.99 32.08 -14.24
CA LEU B 567 -6.25 31.50 -13.12
C LEU B 567 -5.75 30.08 -13.37
N ILE B 568 -6.37 29.33 -14.27
CA ILE B 568 -5.95 27.95 -14.50
C ILE B 568 -6.17 27.60 -15.97
N ASP B 569 -5.37 26.64 -16.45
CA ASP B 569 -5.54 26.09 -17.79
C ASP B 569 -5.66 24.58 -17.66
N ASN B 570 -6.19 23.93 -18.71
CA ASN B 570 -6.31 22.48 -18.68
C ASN B 570 -5.01 21.77 -19.06
N LYS B 571 -3.89 22.48 -19.05
CA LYS B 571 -2.58 21.90 -19.26
C LYS B 571 -1.61 22.50 -18.25
N ASN B 572 -0.40 21.93 -18.21
CA ASN B 572 0.64 22.44 -17.32
C ASN B 572 0.96 23.89 -17.68
N SER B 573 0.87 24.78 -16.69
CA SER B 573 1.17 26.18 -16.93
C SER B 573 2.65 26.39 -17.21
N THR B 574 3.52 25.71 -16.48
CA THR B 574 4.96 25.89 -16.63
C THR B 574 5.40 25.36 -17.99
N PRO B 575 6.03 26.18 -18.83
CA PRO B 575 6.47 25.70 -20.14
C PRO B 575 7.67 24.78 -20.00
N SER B 576 7.63 23.65 -20.71
CA SER B 576 8.71 22.67 -20.68
C SER B 576 9.01 22.19 -22.10
N LYS B 577 10.29 22.01 -22.38
CA LYS B 577 10.78 21.68 -23.73
C LYS B 577 10.58 20.21 -24.11
N PHE B 578 10.53 19.31 -23.13
CA PHE B 578 10.69 17.89 -23.41
C PHE B 578 9.44 17.23 -23.99
N SER B 579 8.26 17.50 -23.45
CA SER B 579 7.05 16.80 -23.83
C SER B 579 6.05 17.76 -24.48
N ASN B 580 4.88 17.24 -24.85
CA ASN B 580 3.77 18.07 -25.31
C ASN B 580 2.49 17.68 -24.58
N GLU B 581 1.50 18.58 -24.66
CA GLU B 581 0.27 18.41 -23.89
C GLU B 581 -0.55 17.20 -24.36
N ARG B 582 -0.49 16.87 -25.65
CA ARG B 582 -1.27 15.73 -26.14
C ARG B 582 -0.72 14.43 -25.58
N LEU B 583 0.61 14.29 -25.55
CA LEU B 583 1.21 13.11 -24.95
C LEU B 583 0.82 12.97 -23.49
N ILE B 584 0.84 14.08 -22.74
CA ILE B 584 0.52 14.04 -21.32
C ILE B 584 -0.95 13.68 -21.11
N HIS B 585 -1.84 14.23 -21.95
CA HIS B 585 -3.25 13.88 -21.86
C HIS B 585 -3.47 12.39 -22.10
N ASN B 586 -2.87 11.83 -23.16
CA ASN B 586 -3.11 10.43 -23.48
C ASN B 586 -2.55 9.50 -22.40
N LEU B 587 -1.42 9.87 -21.79
CA LEU B 587 -0.89 9.07 -20.69
C LEU B 587 -1.88 9.00 -19.53
N ARG B 588 -2.53 10.12 -19.21
CA ARG B 588 -3.46 10.13 -18.08
C ARG B 588 -4.64 9.21 -18.32
N PHE B 589 -5.17 9.18 -19.54
CA PHE B 589 -6.34 8.38 -19.88
C PHE B 589 -5.98 7.04 -20.51
N LYS B 590 -4.71 6.67 -20.48
CA LYS B 590 -4.26 5.37 -20.99
C LYS B 590 -5.02 4.17 -20.43
N PRO B 591 -5.43 4.14 -19.15
CA PRO B 591 -6.20 2.99 -18.67
C PRO B 591 -7.51 2.75 -19.39
N PHE B 592 -8.14 3.79 -19.93
CA PHE B 592 -9.44 3.68 -20.59
C PHE B 592 -9.33 3.62 -22.10
N ASN B 593 -8.10 3.57 -22.63
CA ASN B 593 -7.89 3.66 -24.07
C ASN B 593 -8.38 2.41 -24.82
N SER B 594 -8.32 1.25 -24.19
CA SER B 594 -8.69 0.00 -24.85
C SER B 594 -10.13 -0.41 -24.62
N ILE B 595 -10.92 0.40 -23.91
CA ILE B 595 -12.31 0.08 -23.63
C ILE B 595 -13.17 0.65 -24.75
N GLY B 596 -13.93 -0.21 -25.42
CA GLY B 596 -14.72 0.18 -26.57
C GLY B 596 -15.97 0.97 -26.27
N VAL B 597 -16.73 0.58 -25.26
CA VAL B 597 -18.00 1.21 -24.91
C VAL B 597 -18.01 1.47 -23.39
N PRO B 598 -18.12 2.71 -22.92
CA PRO B 598 -18.19 3.90 -23.78
C PRO B 598 -16.80 4.28 -24.28
N GLU B 599 -16.71 4.68 -25.55
CA GLU B 599 -15.42 5.01 -26.12
C GLU B 599 -14.81 6.21 -25.41
N LEU B 600 -13.50 6.15 -25.23
CA LEU B 600 -12.77 7.28 -24.67
C LEU B 600 -12.85 8.45 -25.64
N PRO B 601 -13.42 9.58 -25.26
CA PRO B 601 -13.49 10.71 -26.20
C PRO B 601 -12.11 11.14 -26.67
N GLU B 602 -12.04 11.56 -27.92
CA GLU B 602 -10.78 12.01 -28.49
C GLU B 602 -10.30 13.29 -27.83
N TYR B 603 -9.00 13.54 -27.96
CA TYR B 603 -8.38 14.72 -27.36
C TYR B 603 -9.09 16.00 -27.78
N GLU B 604 -9.51 16.08 -29.03
CA GLU B 604 -10.15 17.30 -29.52
C GLU B 604 -11.51 17.52 -28.87
N VAL B 605 -12.22 16.44 -28.50
CA VAL B 605 -13.50 16.60 -27.83
C VAL B 605 -13.31 17.24 -26.46
N PHE B 606 -12.27 16.82 -25.73
CA PHE B 606 -11.95 17.41 -24.44
C PHE B 606 -11.73 18.91 -24.57
N GLN B 607 -11.00 19.33 -25.61
CA GLN B 607 -10.69 20.74 -25.80
C GLN B 607 -11.95 21.53 -26.17
N GLN B 608 -12.74 21.01 -27.12
CA GLN B 608 -13.93 21.72 -27.56
C GLN B 608 -14.94 21.87 -26.43
N THR B 609 -15.12 20.81 -25.63
CA THR B 609 -16.08 20.88 -24.53
C THR B 609 -15.71 21.98 -23.55
N LEU B 610 -14.42 22.10 -23.23
CA LEU B 610 -13.98 23.17 -22.33
C LEU B 610 -14.29 24.54 -22.90
N LYS B 611 -14.08 24.73 -24.21
CA LYS B 611 -14.33 26.02 -24.83
C LYS B 611 -15.81 26.40 -24.72
N ASP B 612 -16.70 25.43 -24.79
CA ASP B 612 -18.13 25.72 -24.62
C ASP B 612 -18.43 26.19 -23.20
N PHE B 613 -17.70 25.65 -22.22
CA PHE B 613 -17.92 26.04 -20.83
C PHE B 613 -17.27 27.38 -20.50
N VAL B 614 -16.06 27.63 -21.03
CA VAL B 614 -15.30 28.81 -20.67
C VAL B 614 -15.97 30.07 -21.22
N ILE B 615 -15.98 31.13 -20.41
CA ILE B 615 -16.58 32.40 -20.79
C ILE B 615 -15.48 33.27 -21.41
N GLU B 616 -15.50 33.41 -22.72
CA GLU B 616 -14.55 34.28 -23.40
C GLU B 616 -15.04 35.70 -23.51
N GLU B 617 -16.31 35.95 -23.21
CA GLU B 617 -16.86 37.29 -23.25
C GLU B 617 -16.23 38.18 -22.19
N LYS B 618 -16.42 39.48 -22.35
CA LYS B 618 -15.83 40.47 -21.46
C LYS B 618 -16.89 41.48 -21.02
N GLY B 619 -16.62 42.11 -19.88
CA GLY B 619 -17.49 43.18 -19.42
C GLY B 619 -18.87 42.69 -19.00
N ALA B 620 -19.89 43.44 -19.43
CA ALA B 620 -21.27 43.13 -19.03
C ALA B 620 -21.70 41.76 -19.55
N ALA B 621 -21.30 41.41 -20.77
CA ALA B 621 -21.62 40.08 -21.28
C ALA B 621 -21.00 39.00 -20.42
N PHE B 622 -19.76 39.20 -19.97
CA PHE B 622 -19.11 38.25 -19.08
C PHE B 622 -19.92 38.07 -17.79
N ASP B 623 -20.35 39.18 -17.20
CA ASP B 623 -21.04 39.12 -15.91
C ASP B 623 -22.34 38.35 -16.01
N ILE B 624 -23.05 38.46 -17.13
CA ILE B 624 -24.30 37.72 -17.28
C ILE B 624 -24.02 36.24 -17.43
N LYS B 625 -23.01 35.87 -18.23
CA LYS B 625 -22.68 34.47 -18.40
C LYS B 625 -22.09 33.87 -17.13
N LEU B 626 -21.31 34.67 -16.38
CA LEU B 626 -20.78 34.18 -15.10
C LEU B 626 -21.90 33.95 -14.10
N GLU B 627 -22.91 34.82 -14.10
CA GLU B 627 -24.03 34.66 -13.18
C GLU B 627 -24.84 33.40 -13.47
N ARG B 628 -24.93 32.99 -14.73
CA ARG B 628 -25.64 31.75 -15.04
C ARG B 628 -24.87 30.54 -14.51
N ALA B 629 -23.54 30.61 -14.55
CA ALA B 629 -22.73 29.49 -14.08
C ALA B 629 -22.75 29.38 -12.55
N THR B 630 -22.63 30.51 -11.85
CA THR B 630 -22.66 30.46 -10.39
C THR B 630 -24.05 30.06 -9.90
N ASN B 631 -25.10 30.56 -10.54
CA ASN B 631 -26.44 30.19 -10.14
C ASN B 631 -26.69 28.70 -10.33
N PHE B 632 -26.08 28.10 -11.36
CA PHE B 632 -26.22 26.66 -11.54
C PHE B 632 -25.53 25.91 -10.40
N ILE B 633 -24.33 26.36 -10.00
CA ILE B 633 -23.60 25.68 -8.94
C ILE B 633 -24.40 25.73 -7.63
N GLU B 634 -24.91 26.90 -7.28
CA GLU B 634 -25.71 27.01 -6.05
C GLU B 634 -27.00 26.21 -6.17
N THR B 635 -27.67 26.27 -7.33
CA THR B 635 -28.94 25.58 -7.49
C THR B 635 -28.75 24.07 -7.44
N GLU B 636 -27.74 23.57 -8.16
CA GLU B 636 -27.54 22.13 -8.23
C GLU B 636 -27.02 21.55 -6.93
N VAL B 637 -26.25 22.32 -6.17
CA VAL B 637 -25.82 21.86 -4.84
C VAL B 637 -27.04 21.56 -3.97
N ARG B 638 -28.03 22.46 -3.99
CA ARG B 638 -29.23 22.23 -3.19
C ARG B 638 -30.01 21.02 -3.67
N ASN B 639 -30.05 20.79 -4.98
CA ASN B 639 -30.70 19.58 -5.48
C ASN B 639 -29.95 18.34 -5.05
N VAL B 640 -28.61 18.39 -5.10
CA VAL B 640 -27.80 17.27 -4.62
C VAL B 640 -28.09 16.99 -3.16
N VAL B 641 -28.18 18.05 -2.34
CA VAL B 641 -28.46 17.87 -0.92
C VAL B 641 -29.82 17.20 -0.72
N SER B 642 -30.83 17.61 -1.50
CA SER B 642 -32.14 16.99 -1.40
C SER B 642 -32.11 15.52 -1.83
N SER B 643 -31.34 15.20 -2.88
CA SER B 643 -31.24 13.80 -3.28
C SER B 643 -30.54 12.97 -2.22
N ILE B 644 -29.47 13.50 -1.63
CA ILE B 644 -28.78 12.79 -0.56
C ILE B 644 -29.72 12.57 0.62
N ASP B 645 -30.55 13.57 0.92
CA ASP B 645 -31.48 13.45 2.03
C ASP B 645 -32.51 12.34 1.79
N GLU B 646 -33.01 12.23 0.56
CA GLU B 646 -33.94 11.16 0.25
C GLU B 646 -33.27 9.80 0.37
N ILE B 647 -32.01 9.71 -0.03
CA ILE B 647 -31.29 8.45 0.13
C ILE B 647 -31.08 8.13 1.59
N MET B 648 -30.71 9.13 2.41
CA MET B 648 -30.50 8.89 3.83
C MET B 648 -31.80 8.47 4.51
N GLN B 649 -32.92 9.08 4.13
CA GLN B 649 -34.22 8.65 4.65
C GLN B 649 -34.50 7.20 4.26
N GLY B 650 -34.19 6.84 3.03
CA GLY B 650 -34.41 5.46 2.60
C GLY B 650 -33.54 4.48 3.36
N ILE B 651 -32.31 4.88 3.68
CA ILE B 651 -31.43 4.03 4.48
C ILE B 651 -31.99 3.85 5.88
N LYS B 652 -32.44 4.94 6.50
CA LYS B 652 -32.97 4.85 7.85
C LYS B 652 -34.25 4.03 7.90
N GLY B 653 -35.09 4.17 6.86
CA GLY B 653 -36.38 3.49 6.86
C GLY B 653 -36.31 2.01 6.57
N GLY B 654 -35.35 1.58 5.76
CA GLY B 654 -35.22 0.18 5.38
C GLY B 654 -35.63 -0.05 3.93
N ASP B 655 -35.52 -1.31 3.50
CA ASP B 655 -35.77 -1.72 2.12
C ASP B 655 -37.21 -2.17 1.86
N ASN B 656 -38.07 -2.17 2.87
CA ASN B 656 -39.44 -2.65 2.73
C ASN B 656 -40.46 -1.53 2.60
N ASN B 657 -40.00 -0.29 2.38
CA ASN B 657 -40.91 0.85 2.29
C ASN B 657 -41.47 1.09 0.90
N GLY B 658 -40.92 0.43 -0.13
CA GLY B 658 -41.55 0.41 -1.43
C GLY B 658 -41.08 1.45 -2.43
N VAL B 659 -40.13 2.31 -2.08
CA VAL B 659 -39.65 3.34 -2.99
C VAL B 659 -38.19 3.11 -3.39
N LEU B 660 -37.31 2.93 -2.41
CA LEU B 660 -35.90 2.68 -2.67
C LEU B 660 -35.45 1.38 -2.04
N VAL B 661 -34.53 0.68 -2.70
CA VAL B 661 -33.85 -0.48 -2.15
C VAL B 661 -32.37 -0.17 -2.17
N THR B 662 -31.74 -0.07 -1.00
CA THR B 662 -30.32 0.25 -0.91
C THR B 662 -29.45 -0.90 -0.42
N GLY B 663 -30.04 -1.92 0.20
CA GLY B 663 -29.27 -3.05 0.70
C GLY B 663 -28.19 -2.70 1.70
N THR B 664 -28.39 -1.63 2.48
CA THR B 664 -27.37 -1.13 3.39
C THR B 664 -27.61 -1.58 4.83
N ARG B 665 -28.43 -2.61 5.03
CA ARG B 665 -28.81 -3.03 6.37
C ARG B 665 -27.60 -3.35 7.24
N LEU B 666 -26.56 -3.95 6.67
CA LEU B 666 -25.39 -4.34 7.44
C LEU B 666 -24.43 -3.19 7.67
N VAL B 667 -24.47 -2.17 6.82
CA VAL B 667 -23.56 -1.03 6.93
C VAL B 667 -24.37 0.25 7.03
N GLN B 668 -25.47 0.22 7.80
CA GLN B 668 -26.39 1.34 7.85
C GLN B 668 -25.72 2.60 8.40
N GLU B 669 -25.02 2.47 9.53
CA GLU B 669 -24.36 3.64 10.11
C GLU B 669 -23.29 4.19 9.19
N LEU B 670 -22.49 3.30 8.59
CA LEU B 670 -21.41 3.74 7.71
C LEU B 670 -21.94 4.42 6.44
N SER B 671 -23.01 3.89 5.86
CA SER B 671 -23.55 4.53 4.66
C SER B 671 -24.14 5.89 4.99
N LEU B 672 -24.80 6.01 6.15
CA LEU B 672 -25.30 7.32 6.57
C LEU B 672 -24.13 8.28 6.81
N GLU B 673 -23.07 7.81 7.44
CA GLU B 673 -21.90 8.66 7.68
C GLU B 673 -21.27 9.10 6.37
N TYR B 674 -21.29 8.24 5.36
CA TYR B 674 -20.74 8.60 4.05
C TYR B 674 -21.55 9.72 3.40
N TYR B 675 -22.88 9.57 3.33
CA TYR B 675 -23.70 10.60 2.69
C TYR B 675 -23.68 11.90 3.48
N CYS B 676 -23.52 11.82 4.81
CA CYS B 676 -23.32 13.04 5.59
C CYS B 676 -22.05 13.76 5.14
N LYS B 677 -20.98 13.00 4.92
CA LYS B 677 -19.75 13.59 4.42
C LYS B 677 -19.92 14.12 3.01
N LEU B 678 -20.66 13.38 2.17
CA LEU B 678 -20.94 13.86 0.81
C LEU B 678 -21.74 15.15 0.84
N LYS B 679 -22.72 15.24 1.75
CA LYS B 679 -23.52 16.47 1.84
C LYS B 679 -22.66 17.66 2.27
N HIS B 680 -21.66 17.43 3.13
CA HIS B 680 -20.77 18.51 3.56
CA HIS B 680 -20.79 18.52 3.55
C HIS B 680 -19.95 19.04 2.38
N THR B 681 -19.37 18.13 1.59
CA THR B 681 -18.59 18.53 0.42
C THR B 681 -19.43 19.33 -0.54
N SER B 682 -20.68 18.92 -0.75
CA SER B 682 -21.58 19.62 -1.66
C SER B 682 -21.80 21.06 -1.22
N LYS B 683 -22.13 21.24 0.07
CA LYS B 683 -22.29 22.59 0.61
C LYS B 683 -21.03 23.41 0.46
N ALA B 684 -19.85 22.79 0.70
CA ALA B 684 -18.60 23.53 0.60
C ALA B 684 -18.29 23.95 -0.83
N LEU B 685 -18.72 23.16 -1.82
CA LEU B 685 -18.54 23.54 -3.21
C LEU B 685 -19.29 24.84 -3.52
N SER B 686 -20.53 24.95 -3.04
CA SER B 686 -21.31 26.16 -3.24
C SER B 686 -20.66 27.34 -2.53
N VAL B 687 -20.28 27.15 -1.26
CA VAL B 687 -19.67 28.24 -0.49
C VAL B 687 -18.37 28.68 -1.14
N ASN B 688 -17.59 27.73 -1.64
CA ASN B 688 -16.32 28.09 -2.26
C ASN B 688 -16.52 28.86 -3.56
N SER B 689 -17.55 28.51 -4.33
CA SER B 689 -17.83 29.23 -5.56
C SER B 689 -18.10 30.71 -5.29
N LYS B 690 -18.87 31.02 -4.26
CA LYS B 690 -19.15 32.41 -3.93
C LYS B 690 -17.88 33.16 -3.57
N VAL B 691 -17.00 32.52 -2.79
CA VAL B 691 -15.75 33.16 -2.39
C VAL B 691 -14.90 33.49 -3.61
N ILE B 692 -14.83 32.55 -4.55
CA ILE B 692 -14.01 32.75 -5.75
C ILE B 692 -14.53 33.94 -6.56
N VAL B 693 -15.85 33.99 -6.76
CA VAL B 693 -16.43 35.06 -7.57
C VAL B 693 -16.28 36.40 -6.88
N ASN B 694 -16.55 36.47 -5.57
CA ASN B 694 -16.36 37.72 -4.85
C ASN B 694 -14.91 38.17 -4.91
N THR B 695 -13.97 37.22 -4.80
CA THR B 695 -12.55 37.57 -4.78
C THR B 695 -12.10 38.10 -6.13
N LEU B 696 -12.46 37.42 -7.22
CA LEU B 696 -11.89 37.74 -8.51
C LEU B 696 -12.47 39.01 -9.11
N LYS B 697 -13.74 39.32 -8.84
CA LYS B 697 -14.30 40.59 -9.32
C LYS B 697 -13.54 41.77 -8.73
N LYS B 698 -13.27 41.72 -7.42
CA LYS B 698 -12.45 42.75 -6.78
C LYS B 698 -11.04 42.77 -7.34
N ASN B 699 -10.51 41.60 -7.72
CA ASN B 699 -9.12 41.51 -8.12
C ASN B 699 -8.88 42.20 -9.47
N ILE B 700 -9.81 42.04 -10.41
CA ILE B 700 -9.64 42.66 -11.73
C ILE B 700 -9.52 44.18 -11.60
N LYS B 701 -10.38 44.77 -10.77
CA LYS B 701 -10.37 46.21 -10.53
C LYS B 701 -9.00 46.72 -10.14
N ASN B 702 -8.27 45.95 -9.34
CA ASN B 702 -6.95 46.35 -8.88
C ASN B 702 -5.90 45.99 -9.93
N LYS B 703 -5.12 46.99 -10.34
CA LYS B 703 -4.01 46.74 -11.26
C LYS B 703 -2.96 45.84 -10.63
N ASP B 704 -2.64 46.09 -9.36
CA ASP B 704 -1.68 45.27 -8.62
C ASP B 704 -2.42 44.13 -7.93
N SER B 705 -2.98 43.26 -8.76
CA SER B 705 -3.72 42.10 -8.26
C SER B 705 -2.77 41.06 -7.69
N HIS B 706 -3.31 40.22 -6.82
CA HIS B 706 -2.53 39.11 -6.29
C HIS B 706 -2.36 38.03 -7.35
N GLU B 707 -1.30 37.25 -7.19
CA GLU B 707 -1.05 36.08 -8.02
C GLU B 707 -1.57 34.87 -7.26
N TYR B 708 -2.57 34.21 -7.81
CA TYR B 708 -3.22 33.08 -7.16
C TYR B 708 -2.81 31.77 -7.82
N LYS B 709 -2.90 30.70 -7.04
CA LYS B 709 -2.78 29.35 -7.55
C LYS B 709 -3.98 28.55 -7.06
N VAL B 710 -4.33 27.50 -7.80
CA VAL B 710 -5.46 26.64 -7.46
C VAL B 710 -4.92 25.35 -6.88
N GLU B 711 -5.51 24.91 -5.76
CA GLU B 711 -5.14 23.65 -5.11
C GLU B 711 -6.37 22.80 -4.89
N LEU B 712 -6.22 21.49 -5.03
CA LEU B 712 -7.31 20.56 -4.75
C LEU B 712 -7.28 20.27 -3.25
N VAL B 713 -8.19 20.90 -2.52
CA VAL B 713 -8.18 20.85 -1.06
C VAL B 713 -9.17 19.79 -0.57
N HIS B 714 -8.72 18.96 0.37
CA HIS B 714 -9.60 17.95 0.95
C HIS B 714 -10.43 18.56 2.07
N THR B 715 -11.72 18.25 2.08
CA THR B 715 -12.62 18.71 3.12
C THR B 715 -12.56 17.73 4.29
N THR B 716 -12.35 18.25 5.49
CA THR B 716 -12.05 17.39 6.64
C THR B 716 -13.18 16.41 6.91
N GLU B 717 -14.41 16.89 6.98
CA GLU B 717 -15.56 16.02 7.21
C GLU B 717 -16.35 15.75 5.93
N GLY B 718 -15.74 16.00 4.77
CA GLY B 718 -16.39 15.76 3.50
C GLY B 718 -15.93 14.47 2.85
N TRP B 719 -16.41 14.27 1.62
CA TRP B 719 -16.01 13.13 0.81
C TRP B 719 -15.08 13.62 -0.28
N ASN B 720 -13.83 13.16 -0.25
CA ASN B 720 -12.75 13.75 -1.01
C ASN B 720 -12.56 13.13 -2.40
N TYR B 721 -13.55 12.38 -2.89
CA TYR B 721 -13.59 12.12 -4.32
C TYR B 721 -13.90 13.39 -5.10
N PHE B 722 -14.34 14.44 -4.42
CA PHE B 722 -14.70 15.72 -5.03
C PHE B 722 -14.07 16.83 -4.21
N PRO B 723 -12.74 17.00 -4.33
CA PRO B 723 -12.06 18.04 -3.54
C PRO B 723 -12.46 19.43 -4.00
N ILE B 724 -12.23 20.39 -3.11
CA ILE B 724 -12.59 21.79 -3.35
C ILE B 724 -11.46 22.48 -4.10
N GLN B 725 -11.78 23.08 -5.25
CA GLN B 725 -10.78 23.81 -6.03
C GLN B 725 -10.63 25.20 -5.41
N THR B 726 -9.59 25.35 -4.58
CA THR B 726 -9.45 26.49 -3.68
C THR B 726 -8.38 27.46 -4.19
N LEU B 727 -8.72 28.75 -4.19
CA LEU B 727 -7.72 29.76 -4.50
C LEU B 727 -6.76 29.91 -3.32
N ARG B 728 -5.53 30.32 -3.64
CA ARG B 728 -4.53 30.57 -2.60
C ARG B 728 -3.47 31.51 -3.18
N ILE B 729 -3.08 32.49 -2.37
CA ILE B 729 -2.12 33.49 -2.81
C ILE B 729 -0.75 32.85 -2.96
N LYS B 730 -0.11 33.05 -4.11
CA LYS B 730 1.24 32.58 -4.33
C LYS B 730 2.21 33.53 -3.66
N GLN B 731 3.08 33.00 -2.80
CA GLN B 731 3.96 33.81 -1.98
C GLN B 731 5.41 33.58 -2.38
N ASP B 732 6.11 34.66 -2.72
CA ASP B 732 7.54 34.65 -3.02
C ASP B 732 7.90 33.62 -4.09
N MET C 1 50.70 -23.53 -15.72
CA MET C 1 50.71 -23.34 -17.17
C MET C 1 49.77 -22.20 -17.59
N ASP C 2 48.51 -22.29 -17.16
CA ASP C 2 47.51 -21.28 -17.46
C ASP C 2 47.38 -20.34 -16.28
N ILE C 3 47.54 -19.04 -16.54
CA ILE C 3 47.42 -18.05 -15.46
C ILE C 3 46.00 -18.07 -14.93
N LEU C 4 45.86 -18.01 -13.61
CA LEU C 4 44.55 -17.94 -12.99
C LEU C 4 43.90 -16.58 -13.30
N LYS C 5 42.59 -16.60 -13.51
CA LYS C 5 41.85 -15.39 -13.78
C LYS C 5 40.76 -15.22 -12.73
N LEU C 6 40.29 -13.99 -12.59
CA LEU C 6 39.19 -13.71 -11.66
C LEU C 6 37.90 -14.40 -12.09
N SER C 7 37.73 -14.60 -13.40
CA SER C 7 36.55 -15.29 -13.90
C SER C 7 36.43 -16.70 -13.31
N ASP C 8 37.56 -17.37 -13.11
CA ASP C 8 37.55 -18.70 -12.53
C ASP C 8 37.10 -18.69 -11.08
N PHE C 9 37.44 -17.62 -10.34
CA PHE C 9 37.04 -17.52 -8.94
C PHE C 9 35.56 -17.26 -8.76
N ILE C 10 34.89 -16.71 -9.78
CA ILE C 10 33.46 -16.39 -9.66
C ILE C 10 32.69 -17.66 -9.38
N GLY C 11 31.82 -17.60 -8.36
CA GLY C 11 31.00 -18.74 -7.99
C GLY C 11 31.64 -19.72 -7.04
N ASN C 12 32.78 -19.36 -6.45
CA ASN C 12 33.49 -20.24 -5.54
C ASN C 12 33.56 -19.61 -4.15
N THR C 13 33.30 -20.43 -3.13
CA THR C 13 33.32 -19.96 -1.75
C THR C 13 34.69 -19.40 -1.39
N LEU C 14 34.70 -18.23 -0.77
CA LEU C 14 35.92 -17.58 -0.31
C LEU C 14 35.85 -17.39 1.20
N ILE C 15 37.02 -17.32 1.82
CA ILE C 15 37.13 -17.04 3.25
C ILE C 15 37.78 -15.66 3.36
N VAL C 16 37.01 -14.69 3.82
CA VAL C 16 37.45 -13.29 3.86
C VAL C 16 37.45 -12.83 5.31
N SER C 17 38.60 -12.39 5.79
CA SER C 17 38.74 -11.83 7.12
C SER C 17 38.69 -10.31 7.04
N LEU C 18 37.96 -9.69 7.96
CA LEU C 18 37.83 -8.24 7.98
C LEU C 18 38.89 -7.65 8.91
N THR C 19 38.90 -6.32 9.00
CA THR C 19 39.86 -5.64 9.87
C THR C 19 39.66 -6.04 11.33
N GLU C 20 38.41 -6.15 11.77
CA GLU C 20 38.09 -6.68 13.09
C GLU C 20 38.16 -8.20 13.06
N ASP C 21 38.04 -8.83 14.23
CA ASP C 21 38.14 -10.29 14.29
C ASP C 21 36.80 -10.95 13.95
N ARG C 22 36.33 -10.66 12.73
CA ARG C 22 35.16 -11.31 12.17
C ARG C 22 35.54 -11.85 10.80
N ILE C 23 35.00 -13.01 10.46
CA ILE C 23 35.33 -13.70 9.22
C ILE C 23 34.05 -13.89 8.41
N LEU C 24 34.11 -13.55 7.12
CA LEU C 24 32.98 -13.73 6.21
C LEU C 24 33.28 -14.85 5.24
N VAL C 25 32.41 -15.84 5.18
CA VAL C 25 32.52 -16.96 4.25
C VAL C 25 31.31 -16.86 3.33
N GLY C 26 31.56 -16.66 2.04
CA GLY C 26 30.47 -16.53 1.09
C GLY C 26 30.94 -16.80 -0.32
N SER C 27 29.98 -17.00 -1.22
CA SER C 27 30.26 -17.24 -2.62
C SER C 27 30.51 -15.92 -3.34
N LEU C 28 31.59 -15.86 -4.12
CA LEU C 28 31.99 -14.64 -4.81
C LEU C 28 31.06 -14.37 -5.99
N VAL C 29 30.27 -13.29 -5.89
CA VAL C 29 29.34 -12.93 -6.95
C VAL C 29 30.02 -12.04 -7.99
N ALA C 30 30.75 -11.03 -7.54
CA ALA C 30 31.42 -10.12 -8.46
C ALA C 30 32.59 -9.44 -7.76
N VAL C 31 33.50 -8.93 -8.59
CA VAL C 31 34.64 -8.13 -8.12
C VAL C 31 34.87 -7.03 -9.14
N ASP C 32 35.23 -5.84 -8.68
CA ASP C 32 35.41 -4.68 -9.55
C ASP C 32 36.88 -4.30 -9.63
N ALA C 33 37.15 -3.18 -10.32
CA ALA C 33 38.53 -2.77 -10.58
C ALA C 33 39.27 -2.35 -9.32
N GLN C 34 38.55 -1.82 -8.33
CA GLN C 34 39.16 -1.41 -7.07
C GLN C 34 39.08 -2.50 -6.01
N MET C 35 38.90 -3.75 -6.43
CA MET C 35 38.85 -4.92 -5.56
C MET C 35 37.73 -4.84 -4.53
N ASN C 36 36.65 -4.12 -4.85
CA ASN C 36 35.42 -4.22 -4.06
C ASN C 36 34.75 -5.54 -4.38
N LEU C 37 34.38 -6.28 -3.34
CA LEU C 37 33.82 -7.61 -3.50
C LEU C 37 32.33 -7.62 -3.20
N LEU C 38 31.59 -8.47 -3.91
CA LEU C 38 30.20 -8.75 -3.60
C LEU C 38 30.07 -10.25 -3.36
N LEU C 39 29.63 -10.61 -2.16
CA LEU C 39 29.55 -12.00 -1.74
C LEU C 39 28.11 -12.39 -1.44
N ASP C 40 27.77 -13.64 -1.75
CA ASP C 40 26.44 -14.17 -1.53
C ASP C 40 26.50 -15.33 -0.55
N HIS C 41 25.38 -15.59 0.12
CA HIS C 41 25.26 -16.66 1.11
C HIS C 41 26.36 -16.54 2.17
N VAL C 42 26.55 -15.32 2.65
CA VAL C 42 27.64 -14.98 3.56
C VAL C 42 27.34 -15.48 4.96
N GLU C 43 28.31 -16.15 5.56
CA GLU C 43 28.24 -16.55 6.96
C GLU C 43 29.27 -15.70 7.72
N GLU C 44 28.80 -14.95 8.70
CA GLU C 44 29.67 -14.12 9.53
C GLU C 44 30.05 -14.92 10.78
N ARG C 45 31.35 -15.12 10.98
CA ARG C 45 31.87 -15.85 12.12
C ARG C 45 32.70 -14.93 13.00
N MET C 46 32.30 -14.80 14.27
CA MET C 46 33.03 -14.01 15.25
C MET C 46 33.21 -14.86 16.51
N GLY C 47 34.41 -15.38 16.70
CA GLY C 47 34.70 -16.16 17.90
C GLY C 47 33.86 -17.42 17.95
N SER C 48 32.98 -17.47 18.96
CA SER C 48 32.10 -18.63 19.10
C SER C 48 30.91 -18.55 18.16
N SER C 49 30.42 -17.35 17.88
CA SER C 49 29.14 -17.15 17.23
C SER C 49 29.23 -17.28 15.70
N SER C 50 28.09 -17.61 15.10
CA SER C 50 27.93 -17.73 13.66
C SER C 50 26.55 -17.23 13.28
N ARG C 51 26.45 -16.58 12.12
CA ARG C 51 25.16 -16.11 11.64
C ARG C 51 25.23 -15.86 10.14
N MET C 52 24.06 -15.83 9.51
CA MET C 52 23.96 -15.63 8.07
C MET C 52 23.58 -14.18 7.77
N MET C 53 24.18 -13.62 6.73
CA MET C 53 23.92 -12.24 6.36
C MET C 53 23.56 -12.05 4.90
N GLY C 54 23.47 -13.13 4.12
CA GLY C 54 22.95 -13.02 2.77
C GLY C 54 23.93 -12.35 1.83
N LEU C 55 23.41 -11.40 1.03
CA LEU C 55 24.20 -10.71 0.02
C LEU C 55 24.91 -9.53 0.68
N VAL C 56 26.24 -9.57 0.67
CA VAL C 56 27.05 -8.55 1.32
C VAL C 56 28.10 -8.05 0.35
N SER C 57 28.34 -6.75 0.37
CA SER C 57 29.41 -6.12 -0.40
C SER C 57 30.52 -5.74 0.58
N VAL C 58 31.75 -6.05 0.20
CA VAL C 58 32.92 -5.83 1.05
C VAL C 58 33.85 -4.85 0.34
N PRO C 59 34.03 -3.63 0.86
CA PRO C 59 34.93 -2.67 0.22
C PRO C 59 36.39 -3.09 0.40
N ARG C 60 37.25 -2.45 -0.40
CA ARG C 60 38.66 -2.83 -0.46
C ARG C 60 39.35 -2.64 0.89
N ARG C 61 39.17 -1.47 1.51
CA ARG C 61 39.81 -1.19 2.79
C ARG C 61 39.41 -2.19 3.86
N SER C 62 38.17 -2.68 3.81
CA SER C 62 37.61 -3.57 4.82
C SER C 62 38.15 -4.99 4.73
N VAL C 63 38.80 -5.36 3.63
CA VAL C 63 39.32 -6.71 3.45
C VAL C 63 40.70 -6.80 4.11
N LYS C 64 40.80 -7.65 5.13
CA LYS C 64 42.12 -7.98 5.68
C LYS C 64 42.82 -9.01 4.81
N THR C 65 42.13 -10.09 4.46
CA THR C 65 42.73 -11.14 3.66
C THR C 65 41.63 -11.97 2.99
N ILE C 66 42.01 -12.61 1.90
CA ILE C 66 41.11 -13.49 1.15
C ILE C 66 41.78 -14.85 1.01
N MET C 67 41.06 -15.91 1.36
CA MET C 67 41.59 -17.27 1.33
C MET C 67 40.60 -18.22 0.69
N ILE C 68 41.11 -19.19 -0.06
CA ILE C 68 40.30 -20.21 -0.72
C ILE C 68 40.84 -21.58 -0.33
N ASP C 69 39.93 -22.54 -0.18
CA ASP C 69 40.31 -23.91 0.14
C ASP C 69 41.16 -24.48 -1.00
N LYS C 70 42.23 -25.19 -0.64
CA LYS C 70 43.15 -25.70 -1.65
C LYS C 70 42.49 -26.64 -2.64
N PRO C 71 41.64 -27.61 -2.23
CA PRO C 71 40.94 -28.46 -3.20
C PRO C 71 40.25 -27.69 -4.32
N VAL C 72 39.43 -26.70 -3.98
CA VAL C 72 38.72 -25.95 -5.01
C VAL C 72 39.69 -25.19 -5.90
N LEU C 73 40.78 -24.68 -5.32
CA LEU C 73 41.76 -23.90 -6.08
C LEU C 73 42.41 -24.74 -7.17
N GLN C 74 42.67 -26.02 -6.90
CA GLN C 74 43.34 -26.85 -7.90
C GLN C 74 42.38 -27.26 -9.02
N GLU C 75 41.07 -27.27 -8.75
CA GLU C 75 40.11 -27.57 -9.81
C GLU C 75 40.01 -26.43 -10.81
N LEU C 76 40.01 -25.18 -10.32
CA LEU C 76 39.83 -24.03 -11.21
C LEU C 76 40.94 -23.91 -12.23
N THR C 77 42.14 -24.40 -11.90
CA THR C 77 43.28 -24.33 -12.80
C THR C 77 43.07 -25.23 -14.02
#